data_9EMI
#
_entry.id   9EMI
#
_cell.length_a   111.454
_cell.length_b   151.548
_cell.length_c   70.406
_cell.angle_alpha   90.00
_cell.angle_beta   90.00
_cell.angle_gamma   90.00
#
_symmetry.space_group_name_H-M   'P 21 21 2'
#
loop_
_entity.id
_entity.type
_entity.pdbx_description
1 polymer 'DNA polymerase'
2 polymer "DNA (5'-D(*GP*AP*CP*CP*AP*CP*GP*GP*CP*CP*AP*CP*A*(XG4))-3')"
3 polymer "DNA (5'-D(*(6HA)P*(6HA)P*(6HC)P*(6HT)P*(6HG)P*(6HT)P*GP*GP*CP*CP*GP*TP*GP*GP*TP*C)-3')"
4 non-polymer 1,2-ETHANEDIOL
5 non-polymer 'MAGNESIUM ION'
6 non-polymer "2'-deoxy-5'-O-[(R)-hydroxy{[(R)-hydroxy(phosphonooxy)phosphoryl]amino}phosphoryl]guanosine"
7 water water
#
loop_
_entity_poly.entity_id
_entity_poly.type
_entity_poly.pdbx_seq_one_letter_code
_entity_poly.pdbx_strand_id
1 'polypeptide(L)'
;MILDTDYITEDGKPVIRIFKKENGEFKIEYDRTFEPYFYALLKDDSAIEEVKKITAERHGTVVTVKRVEKVQKKFLGRPV
EVWKLYFTHPQDQPAIRDKIREHPAVIDIYEYDTPFAKRYLIDKGLVPMEGDEELKMLAFAIATLYHEGEEFAEGPILMI
SYADEEGARVITWKNVDLPYVDVVSTEREMIKRFLRVVKEKDPDVLITYNGDNFDFAYLKKRCEKLGINFALGRDGSEPK
IQRMGDRFAVEVKGRIHFDLYPVIRRTINLPTYTLEAVYEAVFGQPKEKVYAEEITTAWETGENLERVARYSMEDAKVTY
ELGKEFLPMEAQLSRLIGQSLWDVSRSSTGNLVEWFLLRKAYERNELAPNKPDEKELARRRQKYEGGYVKEPERGLWENI
VYLDFRSLYPSIIITHNVSPDTLNREGCGEYDVAPQVGHRFCKDLPGFIPSLLGDLLEERQKIKKKMKATIDPIERKLLD
YRQRLIKILANSVYGHMGFENARWYCKECAESVTAWGREYLTMTIKEIEEKYGFKVIYSDTDGFFATIPGADAETVKKKA
MEFLKYINAKLPGALELEYEGFYKRGFFVTKKKYAVIDEEGKITTRGLEIVRRDWSEIAKETQARVLEALLKDGDVEKAV
RIVKEVTEKLSKYEVPPEKLVIHKQITRDLKDYKATGPHVAVAKRLAARGVKIRPGTVISYIVLKGSGRIGDRAIPFDEF
DPTKHRYDAEYYIEKQVLPAVERILRAFGYRKEDLRYQKTRQVGLSAWLKPKGT
;
A
2 'polydeoxyribonucleotide' (DG)(DA)(DC)(DC)(DA)(DC)(DG)(DG)(DC)(DC)(DA)(DC)(DA) P
3 'polydeoxyribonucleotide' (6HA)(6HA)(6HC)(6HT)(6HG)(6HT)(DG)(DG)(DC)(DC)(DG)(DT)(DG)(DG)(DT)(DC) T
#
loop_
_chem_comp.id
_chem_comp.type
_chem_comp.name
_chem_comp.formula
6HA DNA linking 1',5'-ANHYDRO-2',3'-DIDEOXY-2'-(ADENIN-9-YL)-6'-O-PHOSPHORYL-D-ARABINO-HEXITOL 'C11 H16 N5 O6 P'
6HC DNA linking 1',5'-ANHYDRO-2',3'-DIDEOXY-2'-(CYTOSIN-1-YL)-6'-O-PHOSPHORYL-D-ARABINO-HEXITOL 'C10 H16 N3 O7 P'
6HG DNA linking 1',5'-ANHYDRO-2',3'-DIDEOXY-2'-(GUANIN-9-YL)-6'-O-PHOSPHORYL-D-ARABINO-HEXITOL 'C11 H16 N5 O7 P'
6HT DNA linking 1',5'-ANHYDRO-2',3'-DIDEOXY-2'-(THYMIN-1-YL)-6'-O-PHOSPHORYL-D-ARABINO-HEXITOL 'C11 H17 N2 O8 P'
DA DNA linking 2'-DEOXYADENOSINE-5'-MONOPHOSPHATE 'C10 H14 N5 O6 P'
DC DNA linking 2'-DEOXYCYTIDINE-5'-MONOPHOSPHATE 'C9 H14 N3 O7 P'
DG DNA linking 2'-DEOXYGUANOSINE-5'-MONOPHOSPHATE 'C10 H14 N5 O7 P'
DT DNA linking THYMIDINE-5'-MONOPHOSPHATE 'C10 H15 N2 O8 P'
EDO non-polymer 1,2-ETHANEDIOL 'C2 H6 O2'
MG non-polymer 'MAGNESIUM ION' 'Mg 2'
XG4 non-polymer 2'-deoxy-5'-O-[(R)-hydroxy{[(R)-hydroxy(phosphonooxy)phosphoryl]amino}phosphoryl]guanosine 'C10 H17 N6 O12 P3'
#
# COMPACT_ATOMS: atom_id res chain seq x y z
N MET A 1 13.32 -23.34 -2.37
CA MET A 1 12.47 -22.17 -2.16
C MET A 1 11.50 -21.99 -3.31
N ILE A 2 10.20 -22.05 -3.02
CA ILE A 2 9.19 -21.93 -4.05
C ILE A 2 9.14 -20.50 -4.55
N LEU A 3 9.39 -20.32 -5.86
CA LEU A 3 9.27 -19.00 -6.45
C LEU A 3 7.81 -18.69 -6.80
N ASP A 4 7.17 -19.57 -7.56
CA ASP A 4 5.80 -19.30 -7.99
C ASP A 4 5.16 -20.61 -8.45
N THR A 5 3.89 -20.51 -8.86
CA THR A 5 3.15 -21.63 -9.39
C THR A 5 2.24 -21.16 -10.52
N ASP A 6 2.00 -22.06 -11.48
CA ASP A 6 0.93 -21.86 -12.46
C ASP A 6 0.45 -23.24 -12.91
N TYR A 7 -0.30 -23.28 -14.00
CA TYR A 7 -0.73 -24.56 -14.56
C TYR A 7 -0.81 -24.46 -16.06
N ILE A 8 -0.53 -25.58 -16.72
CA ILE A 8 -0.72 -25.74 -18.15
C ILE A 8 -1.79 -26.81 -18.39
N THR A 9 -2.21 -26.91 -19.64
CA THR A 9 -3.24 -27.88 -20.03
C THR A 9 -2.58 -28.94 -20.92
N GLU A 10 -2.45 -30.14 -20.40
CA GLU A 10 -1.86 -31.27 -21.12
C GLU A 10 -2.96 -32.27 -21.42
N ASP A 11 -3.30 -32.40 -22.71
CA ASP A 11 -4.35 -33.31 -23.17
C ASP A 11 -5.65 -33.06 -22.42
N GLY A 12 -5.99 -31.78 -22.25
CA GLY A 12 -7.22 -31.41 -21.57
C GLY A 12 -7.18 -31.51 -20.06
N LYS A 13 -6.04 -31.88 -19.48
CA LYS A 13 -5.96 -32.02 -18.03
C LYS A 13 -5.03 -30.98 -17.43
N PRO A 14 -5.31 -30.49 -16.21
CA PRO A 14 -4.44 -29.49 -15.60
C PRO A 14 -3.16 -30.11 -15.09
N VAL A 15 -2.05 -29.41 -15.31
CA VAL A 15 -0.74 -29.80 -14.82
C VAL A 15 -0.17 -28.60 -14.07
N ILE A 16 -0.08 -28.72 -12.74
CA ILE A 16 0.49 -27.66 -11.93
C ILE A 16 2.00 -27.64 -12.12
N ARG A 17 2.56 -26.45 -12.34
CA ARG A 17 3.99 -26.23 -12.35
C ARG A 17 4.37 -25.39 -11.14
N ILE A 18 5.35 -25.86 -10.38
CA ILE A 18 5.90 -25.16 -9.23
C ILE A 18 7.32 -24.76 -9.58
N PHE A 19 7.52 -23.45 -9.84
CA PHE A 19 8.83 -22.91 -10.12
C PHE A 19 9.54 -22.61 -8.81
N LYS A 20 10.75 -23.17 -8.64
CA LYS A 20 11.47 -23.10 -7.39
C LYS A 20 12.96 -22.96 -7.66
N LYS A 21 13.71 -22.61 -6.61
CA LYS A 21 15.16 -22.52 -6.66
C LYS A 21 15.73 -23.34 -5.51
N GLU A 22 16.33 -24.48 -5.84
CA GLU A 22 16.89 -25.39 -4.83
C GLU A 22 18.36 -25.62 -5.12
N ASN A 23 19.19 -25.46 -4.08
CA ASN A 23 20.63 -25.67 -4.17
C ASN A 23 21.25 -24.84 -5.29
N GLY A 24 20.79 -23.60 -5.43
CA GLY A 24 21.30 -22.71 -6.45
C GLY A 24 20.93 -23.06 -7.86
N GLU A 25 19.97 -23.96 -8.05
CA GLU A 25 19.52 -24.37 -9.38
C GLU A 25 18.02 -24.16 -9.50
N PHE A 26 17.59 -23.61 -10.64
CA PHE A 26 16.18 -23.40 -10.91
C PHE A 26 15.54 -24.71 -11.34
N LYS A 27 14.50 -25.13 -10.65
CA LYS A 27 13.79 -26.36 -10.96
C LYS A 27 12.30 -26.07 -11.16
N ILE A 28 11.66 -26.96 -11.91
CA ILE A 28 10.24 -26.90 -12.18
C ILE A 28 9.63 -28.24 -11.79
N GLU A 29 8.90 -28.25 -10.67
CA GLU A 29 8.19 -29.45 -10.24
C GLU A 29 6.84 -29.54 -10.96
N TYR A 30 6.51 -30.73 -11.42
CA TYR A 30 5.25 -30.96 -12.11
C TYR A 30 4.32 -31.79 -11.24
N ASP A 31 3.02 -31.49 -11.31
CA ASP A 31 2.01 -32.20 -10.51
C ASP A 31 0.76 -32.37 -11.36
N ARG A 32 0.43 -33.62 -11.70
CA ARG A 32 -0.75 -33.91 -12.50
C ARG A 32 -1.85 -34.56 -11.66
N THR A 33 -1.76 -34.50 -10.34
CA THR A 33 -2.71 -35.15 -9.46
C THR A 33 -3.67 -34.20 -8.77
N PHE A 34 -3.50 -32.89 -8.93
CA PHE A 34 -4.38 -31.93 -8.29
C PHE A 34 -5.66 -31.77 -9.11
N GLU A 35 -6.81 -31.98 -8.45
CA GLU A 35 -8.10 -31.94 -9.13
C GLU A 35 -8.88 -30.69 -8.73
N PRO A 36 -9.42 -29.95 -9.69
CA PRO A 36 -10.22 -28.78 -9.35
C PRO A 36 -11.55 -29.18 -8.72
N TYR A 37 -12.08 -28.29 -7.88
CA TYR A 37 -13.30 -28.59 -7.14
C TYR A 37 -13.91 -27.31 -6.60
N PHE A 38 -15.19 -27.41 -6.22
CA PHE A 38 -15.78 -26.42 -5.33
C PHE A 38 -16.91 -27.08 -4.54
N TYR A 39 -17.39 -26.39 -3.50
CA TYR A 39 -18.34 -26.98 -2.57
C TYR A 39 -19.77 -26.58 -2.91
N ALA A 40 -20.71 -27.48 -2.61
CA ALA A 40 -22.12 -27.21 -2.80
C ALA A 40 -22.91 -27.67 -1.58
N LEU A 41 -23.94 -26.91 -1.22
CA LEU A 41 -24.77 -27.22 -0.05
C LEU A 41 -26.17 -27.63 -0.53
N LEU A 42 -26.59 -28.83 -0.17
CA LEU A 42 -27.90 -29.34 -0.53
C LEU A 42 -28.78 -29.42 0.71
N LYS A 43 -30.11 -29.38 0.48
CA LYS A 43 -31.05 -29.55 1.58
C LYS A 43 -31.31 -31.02 1.89
N ASP A 44 -31.10 -31.91 0.93
CA ASP A 44 -31.23 -33.34 1.13
C ASP A 44 -30.00 -34.03 0.55
N ASP A 45 -29.56 -35.10 1.22
CA ASP A 45 -28.36 -35.80 0.78
C ASP A 45 -28.59 -36.51 -0.56
N SER A 46 -29.64 -37.31 -0.64
CA SER A 46 -29.90 -38.09 -1.85
C SER A 46 -30.05 -37.23 -3.10
N ALA A 47 -30.36 -35.94 -2.93
CA ALA A 47 -30.43 -35.02 -4.06
C ALA A 47 -29.15 -35.01 -4.88
N ILE A 48 -28.03 -35.41 -4.28
CA ILE A 48 -26.76 -35.47 -5.01
C ILE A 48 -26.89 -36.34 -6.25
N GLU A 49 -27.80 -37.31 -6.24
CA GLU A 49 -27.98 -38.18 -7.40
C GLU A 49 -28.28 -37.38 -8.66
N GLU A 50 -28.96 -36.24 -8.51
CA GLU A 50 -29.20 -35.36 -9.66
C GLU A 50 -28.12 -34.32 -9.82
N VAL A 51 -27.42 -33.97 -8.74
CA VAL A 51 -26.36 -32.95 -8.84
C VAL A 51 -25.24 -33.45 -9.73
N LYS A 52 -24.96 -34.75 -9.70
CA LYS A 52 -23.96 -35.34 -10.57
C LYS A 52 -24.36 -35.30 -12.04
N LYS A 53 -25.61 -34.95 -12.35
CA LYS A 53 -26.12 -35.09 -13.70
C LYS A 53 -26.14 -33.80 -14.50
N ILE A 54 -26.10 -32.64 -13.85
CA ILE A 54 -26.12 -31.38 -14.60
C ILE A 54 -24.82 -31.25 -15.39
N THR A 55 -24.95 -30.99 -16.68
CA THR A 55 -23.82 -30.74 -17.56
C THR A 55 -23.94 -29.33 -18.11
N ALA A 56 -22.88 -28.88 -18.77
CA ALA A 56 -22.89 -27.60 -19.47
C ALA A 56 -21.96 -27.70 -20.67
N GLU A 57 -21.62 -26.55 -21.24
CA GLU A 57 -20.72 -26.49 -22.39
C GLU A 57 -19.70 -25.38 -22.19
N ARG A 58 -18.49 -25.61 -22.71
CA ARG A 58 -17.42 -24.61 -22.66
C ARG A 58 -17.16 -24.04 -24.03
N HIS A 59 -16.42 -24.78 -24.86
CA HIS A 59 -16.12 -24.39 -26.24
C HIS A 59 -16.52 -25.52 -27.19
N GLY A 60 -17.80 -25.85 -27.17
CA GLY A 60 -18.35 -27.03 -27.83
C GLY A 60 -18.25 -28.30 -27.00
N THR A 61 -17.19 -28.42 -26.22
CA THR A 61 -17.02 -29.57 -25.33
C THR A 61 -18.08 -29.54 -24.23
N VAL A 62 -18.48 -30.73 -23.79
CA VAL A 62 -19.41 -30.87 -22.69
C VAL A 62 -18.63 -30.96 -21.39
N VAL A 63 -19.15 -30.33 -20.33
CA VAL A 63 -18.51 -30.33 -19.03
C VAL A 63 -19.45 -31.03 -18.05
N THR A 64 -18.92 -32.02 -17.35
CA THR A 64 -19.68 -32.87 -16.45
C THR A 64 -19.03 -32.84 -15.07
N VAL A 65 -19.83 -33.16 -14.05
CA VAL A 65 -19.29 -33.32 -12.70
C VAL A 65 -18.51 -34.63 -12.68
N LYS A 66 -17.20 -34.55 -12.50
CA LYS A 66 -16.35 -35.73 -12.53
C LYS A 66 -16.68 -36.68 -11.39
N ARG A 67 -16.44 -36.25 -10.15
CA ARG A 67 -16.76 -37.07 -8.99
C ARG A 67 -17.19 -36.16 -7.85
N VAL A 68 -18.00 -36.71 -6.95
CA VAL A 68 -18.49 -35.98 -5.79
C VAL A 68 -17.98 -36.68 -4.53
N GLU A 69 -17.99 -35.94 -3.43
CA GLU A 69 -17.50 -36.47 -2.17
C GLU A 69 -18.15 -35.72 -1.02
N LYS A 70 -18.75 -36.46 -0.09
CA LYS A 70 -19.38 -35.84 1.08
C LYS A 70 -18.30 -35.49 2.11
N VAL A 71 -18.35 -34.25 2.60
CA VAL A 71 -17.32 -33.74 3.51
C VAL A 71 -18.00 -32.96 4.63
N GLN A 72 -17.38 -32.97 5.80
CA GLN A 72 -17.85 -32.21 6.96
C GLN A 72 -16.94 -31.01 7.19
N LYS A 73 -17.52 -29.81 7.18
CA LYS A 73 -16.75 -28.58 7.38
C LYS A 73 -17.43 -27.75 8.47
N LYS A 74 -16.87 -26.57 8.73
CA LYS A 74 -17.40 -25.66 9.74
C LYS A 74 -17.82 -24.36 9.06
N PHE A 75 -19.12 -24.13 8.99
CA PHE A 75 -19.67 -22.88 8.51
C PHE A 75 -20.26 -22.11 9.68
N LEU A 76 -19.97 -20.80 9.74
CA LEU A 76 -20.32 -19.95 10.87
C LEU A 76 -20.05 -20.62 12.21
N GLY A 77 -18.93 -21.33 12.31
CA GLY A 77 -18.52 -22.00 13.52
C GLY A 77 -19.19 -23.34 13.78
N ARG A 78 -20.31 -23.62 13.14
CA ARG A 78 -21.13 -24.81 13.31
C ARG A 78 -20.76 -25.88 12.28
N PRO A 79 -20.75 -27.15 12.70
CA PRO A 79 -20.50 -28.23 11.74
C PRO A 79 -21.61 -28.33 10.72
N VAL A 80 -21.22 -28.64 9.47
CA VAL A 80 -22.17 -28.74 8.37
C VAL A 80 -21.65 -29.75 7.36
N GLU A 81 -22.57 -30.36 6.63
CA GLU A 81 -22.25 -31.35 5.61
C GLU A 81 -22.33 -30.69 4.24
N VAL A 82 -21.20 -30.69 3.53
CA VAL A 82 -21.11 -30.09 2.20
C VAL A 82 -20.70 -31.17 1.22
N TRP A 83 -20.88 -30.87 -0.07
CA TRP A 83 -20.53 -31.80 -1.14
C TRP A 83 -19.40 -31.19 -1.96
N LYS A 84 -18.21 -31.77 -1.85
CA LYS A 84 -17.10 -31.44 -2.72
C LYS A 84 -17.39 -31.97 -4.12
N LEU A 85 -17.46 -31.07 -5.09
CA LEU A 85 -17.67 -31.42 -6.49
C LEU A 85 -16.36 -31.22 -7.23
N TYR A 86 -15.82 -32.32 -7.76
CA TYR A 86 -14.59 -32.30 -8.54
C TYR A 86 -14.90 -32.16 -10.02
N PHE A 87 -13.94 -31.61 -10.76
CA PHE A 87 -14.10 -31.40 -12.20
C PHE A 87 -12.82 -31.80 -12.90
N THR A 88 -12.88 -31.85 -14.23
CA THR A 88 -11.71 -32.22 -15.01
C THR A 88 -10.72 -31.07 -15.12
N HIS A 89 -11.20 -29.89 -15.49
CA HIS A 89 -10.37 -28.72 -15.73
C HIS A 89 -10.91 -27.54 -14.95
N PRO A 90 -10.04 -26.65 -14.46
CA PRO A 90 -10.54 -25.49 -13.70
C PRO A 90 -11.47 -24.61 -14.52
N GLN A 91 -11.22 -24.47 -15.83
CA GLN A 91 -12.08 -23.68 -16.69
C GLN A 91 -13.50 -24.25 -16.78
N ASP A 92 -13.72 -25.48 -16.32
CA ASP A 92 -15.08 -26.01 -16.24
C ASP A 92 -15.91 -25.26 -15.20
N GLN A 93 -15.27 -24.78 -14.14
CA GLN A 93 -16.02 -24.16 -13.04
C GLN A 93 -16.76 -22.90 -13.45
N PRO A 94 -16.15 -21.93 -14.14
CA PRO A 94 -16.91 -20.75 -14.54
C PRO A 94 -18.07 -21.05 -15.47
N ALA A 95 -18.04 -22.18 -16.18
CA ALA A 95 -19.08 -22.50 -17.15
C ALA A 95 -20.23 -23.30 -16.56
N ILE A 96 -20.02 -23.99 -15.43
CA ILE A 96 -21.05 -24.84 -14.86
C ILE A 96 -21.57 -24.32 -13.53
N ARG A 97 -20.83 -23.47 -12.83
CA ARG A 97 -21.20 -23.07 -11.47
C ARG A 97 -22.64 -22.55 -11.41
N ASP A 98 -22.98 -21.61 -12.30
CA ASP A 98 -24.33 -21.06 -12.32
C ASP A 98 -25.37 -22.16 -12.51
N LYS A 99 -25.12 -23.09 -13.45
CA LYS A 99 -26.06 -24.17 -13.67
C LYS A 99 -26.23 -25.02 -12.42
N ILE A 100 -25.19 -25.13 -11.60
CA ILE A 100 -25.33 -25.83 -10.33
C ILE A 100 -26.18 -25.01 -9.37
N ARG A 101 -25.95 -23.68 -9.34
CA ARG A 101 -26.67 -22.82 -8.40
C ARG A 101 -28.14 -22.69 -8.77
N GLU A 102 -28.49 -22.73 -10.06
CA GLU A 102 -29.89 -22.64 -10.44
C GLU A 102 -30.70 -23.83 -9.94
N HIS A 103 -30.07 -24.96 -9.66
CA HIS A 103 -30.79 -26.14 -9.25
C HIS A 103 -31.53 -25.88 -7.93
N PRO A 104 -32.79 -26.27 -7.81
CA PRO A 104 -33.51 -26.02 -6.55
C PRO A 104 -32.96 -26.81 -5.39
N ALA A 105 -32.39 -28.00 -5.63
CA ALA A 105 -31.92 -28.83 -4.54
C ALA A 105 -30.69 -28.26 -3.85
N VAL A 106 -30.01 -27.30 -4.47
CA VAL A 106 -28.83 -26.68 -3.88
C VAL A 106 -29.24 -25.39 -3.20
N ILE A 107 -28.63 -25.09 -2.06
CA ILE A 107 -28.82 -23.82 -1.39
C ILE A 107 -27.82 -22.78 -1.88
N ASP A 108 -26.56 -23.17 -1.99
CA ASP A 108 -25.50 -22.25 -2.38
C ASP A 108 -24.28 -23.08 -2.75
N ILE A 109 -23.29 -22.39 -3.34
CA ILE A 109 -22.00 -22.98 -3.67
C ILE A 109 -20.91 -22.09 -3.10
N TYR A 110 -19.76 -22.69 -2.82
CA TYR A 110 -18.71 -22.02 -2.07
C TYR A 110 -17.35 -22.37 -2.66
N GLU A 111 -16.45 -21.39 -2.56
CA GLU A 111 -15.05 -21.53 -2.97
C GLU A 111 -14.95 -21.98 -4.43
N TYR A 112 -15.68 -21.27 -5.29
CA TYR A 112 -15.76 -21.61 -6.71
C TYR A 112 -14.95 -20.68 -7.60
N ASP A 113 -14.48 -19.54 -7.06
CA ASP A 113 -13.81 -18.52 -7.86
C ASP A 113 -12.33 -18.40 -7.53
N THR A 114 -11.79 -19.31 -6.73
CA THR A 114 -10.38 -19.22 -6.35
C THR A 114 -9.51 -19.78 -7.46
N PRO A 115 -8.47 -19.06 -7.90
CA PRO A 115 -7.66 -19.55 -9.02
C PRO A 115 -6.96 -20.85 -8.69
N PHE A 116 -6.66 -21.62 -9.75
CA PHE A 116 -6.20 -22.99 -9.57
C PHE A 116 -4.84 -23.05 -8.89
N ALA A 117 -3.87 -22.26 -9.35
CA ALA A 117 -2.52 -22.34 -8.81
C ALA A 117 -2.47 -21.87 -7.36
N LYS A 118 -3.24 -20.82 -7.03
CA LYS A 118 -3.26 -20.35 -5.65
C LYS A 118 -4.00 -21.32 -4.73
N ARG A 119 -5.06 -21.95 -5.24
CA ARG A 119 -5.71 -23.01 -4.48
C ARG A 119 -4.76 -24.18 -4.25
N TYR A 120 -3.89 -24.46 -5.21
CA TYR A 120 -2.86 -25.48 -5.01
C TYR A 120 -1.89 -25.07 -3.92
N LEU A 121 -1.46 -23.81 -3.93
CA LEU A 121 -0.59 -23.31 -2.88
C LEU A 121 -1.23 -23.48 -1.51
N ILE A 122 -2.52 -23.20 -1.39
CA ILE A 122 -3.18 -23.25 -0.09
C ILE A 122 -3.40 -24.70 0.34
N ASP A 123 -3.97 -25.51 -0.55
CA ASP A 123 -4.33 -26.88 -0.18
C ASP A 123 -3.10 -27.71 0.16
N LYS A 124 -2.03 -27.54 -0.61
CA LYS A 124 -0.79 -28.27 -0.35
C LYS A 124 0.02 -27.70 0.81
N GLY A 125 -0.48 -26.63 1.46
CA GLY A 125 0.24 -26.04 2.57
C GLY A 125 1.61 -25.51 2.21
N LEU A 126 1.79 -25.03 0.99
CA LEU A 126 3.07 -24.53 0.53
C LEU A 126 3.17 -23.02 0.76
N VAL A 127 4.36 -22.57 1.13
CA VAL A 127 4.63 -21.16 1.40
C VAL A 127 5.80 -20.74 0.52
N PRO A 128 5.62 -19.79 -0.39
CA PRO A 128 6.73 -19.34 -1.23
C PRO A 128 7.68 -18.44 -0.45
N MET A 129 8.83 -18.17 -1.07
CA MET A 129 9.84 -17.26 -0.54
C MET A 129 10.39 -17.73 0.81
N GLU A 130 10.39 -19.05 1.03
CA GLU A 130 10.85 -19.63 2.28
C GLU A 130 12.23 -20.26 2.09
N GLY A 131 13.15 -19.96 3.00
CA GLY A 131 14.47 -20.54 2.99
C GLY A 131 15.55 -19.48 2.97
N ASP A 132 16.79 -19.95 2.95
CA ASP A 132 17.97 -19.10 2.89
C ASP A 132 18.48 -18.91 1.47
N GLU A 133 17.81 -19.49 0.48
CA GLU A 133 18.29 -19.42 -0.90
C GLU A 133 18.31 -17.98 -1.40
N GLU A 134 19.46 -17.57 -1.93
CA GLU A 134 19.62 -16.23 -2.47
C GLU A 134 19.40 -16.26 -3.98
N LEU A 135 18.57 -15.36 -4.47
CA LEU A 135 18.25 -15.28 -5.88
C LEU A 135 19.19 -14.28 -6.58
N LYS A 136 19.42 -14.52 -7.87
CA LYS A 136 20.14 -13.57 -8.70
C LYS A 136 19.15 -12.59 -9.31
N MET A 137 19.47 -11.30 -9.25
CA MET A 137 18.59 -10.25 -9.73
C MET A 137 19.26 -9.49 -10.86
N LEU A 138 18.43 -8.96 -11.77
CA LEU A 138 18.90 -8.15 -12.88
C LEU A 138 17.90 -7.01 -13.07
N ALA A 139 18.36 -5.78 -12.90
CA ALA A 139 17.51 -4.62 -13.13
C ALA A 139 17.72 -4.08 -14.53
N PHE A 140 16.66 -3.51 -15.11
CA PHE A 140 16.82 -2.93 -16.44
C PHE A 140 15.88 -1.75 -16.64
N ALA A 141 16.30 -0.84 -17.53
CA ALA A 141 15.52 0.32 -17.91
C ALA A 141 15.74 0.58 -19.39
N ILE A 142 14.87 1.42 -19.97
CA ILE A 142 14.95 1.77 -21.39
C ILE A 142 14.86 3.27 -21.55
N ALA A 143 15.38 3.75 -22.69
CA ALA A 143 15.26 5.13 -23.09
C ALA A 143 14.50 5.20 -24.41
N THR A 144 13.57 6.15 -24.51
CA THR A 144 12.64 6.21 -25.63
C THR A 144 12.67 7.56 -26.33
N LEU A 145 12.31 7.53 -27.62
CA LEU A 145 12.25 8.73 -28.43
C LEU A 145 10.83 9.27 -28.37
N TYR A 146 10.66 10.38 -27.65
CA TYR A 146 9.33 10.93 -27.38
C TYR A 146 9.20 12.30 -28.03
N HIS A 147 8.23 12.41 -28.94
CA HIS A 147 7.70 13.69 -29.36
C HIS A 147 6.27 13.82 -28.86
N GLU A 148 5.91 15.01 -28.38
CA GLU A 148 4.55 15.22 -27.88
C GLU A 148 3.56 15.18 -29.04
N GLY A 149 2.52 14.36 -28.89
CA GLY A 149 1.46 14.23 -29.88
C GLY A 149 1.38 12.86 -30.51
N GLU A 150 2.50 12.13 -30.55
CA GLU A 150 2.48 10.80 -31.15
C GLU A 150 1.67 9.83 -30.30
N GLU A 151 1.37 8.66 -30.87
CA GLU A 151 0.79 7.58 -30.10
C GLU A 151 1.87 6.86 -29.31
N PHE A 152 1.45 5.84 -28.55
CA PHE A 152 2.38 5.13 -27.68
C PHE A 152 3.29 4.22 -28.50
N ALA A 153 4.59 4.27 -28.20
CA ALA A 153 5.59 3.37 -28.78
C ALA A 153 5.76 3.57 -30.28
N GLU A 154 5.47 4.78 -30.78
CA GLU A 154 5.80 5.08 -32.16
C GLU A 154 7.30 5.20 -32.35
N GLY A 155 7.95 6.04 -31.56
CA GLY A 155 9.39 6.18 -31.59
C GLY A 155 10.07 4.91 -31.13
N PRO A 156 11.28 4.68 -31.62
CA PRO A 156 12.01 3.47 -31.25
C PRO A 156 12.67 3.62 -29.88
N ILE A 157 13.14 2.49 -29.36
CA ILE A 157 13.97 2.49 -28.16
C ILE A 157 15.39 2.82 -28.55
N LEU A 158 16.01 3.74 -27.81
CA LEU A 158 17.36 4.21 -28.12
C LEU A 158 18.42 3.43 -27.36
N MET A 159 18.24 3.29 -26.05
CA MET A 159 19.18 2.55 -25.21
C MET A 159 18.40 1.61 -24.30
N ILE A 160 18.99 0.45 -24.05
CA ILE A 160 18.49 -0.49 -23.05
C ILE A 160 19.62 -0.72 -22.05
N SER A 161 19.41 -0.34 -20.80
CA SER A 161 20.42 -0.45 -19.77
C SER A 161 20.05 -1.54 -18.78
N TYR A 162 21.05 -2.26 -18.31
CA TYR A 162 20.85 -3.28 -17.29
C TYR A 162 21.93 -3.14 -16.22
N ALA A 163 21.66 -3.76 -15.08
CA ALA A 163 22.56 -3.66 -13.93
C ALA A 163 22.36 -4.85 -13.02
N ASP A 164 23.47 -5.30 -12.42
CA ASP A 164 23.44 -6.36 -11.42
C ASP A 164 24.61 -6.22 -10.46
N GLU A 165 25.09 -7.35 -9.92
CA GLU A 165 26.23 -7.29 -9.02
C GLU A 165 27.52 -6.97 -9.74
N GLU A 166 27.58 -7.18 -11.06
CA GLU A 166 28.81 -6.94 -11.82
C GLU A 166 28.95 -5.51 -12.29
N GLY A 167 27.89 -4.71 -12.22
CA GLY A 167 27.93 -3.33 -12.64
C GLY A 167 26.76 -3.01 -13.55
N ALA A 168 26.83 -1.85 -14.19
CA ALA A 168 25.78 -1.37 -15.07
C ALA A 168 26.32 -1.21 -16.49
N ARG A 169 25.47 -1.54 -17.47
CA ARG A 169 25.85 -1.45 -18.87
C ARG A 169 24.67 -0.93 -19.69
N VAL A 170 24.99 -0.14 -20.71
CA VAL A 170 24.01 0.40 -21.65
C VAL A 170 24.25 -0.25 -23.01
N ILE A 171 23.17 -0.51 -23.74
CA ILE A 171 23.24 -1.00 -25.11
C ILE A 171 22.51 0.01 -25.99
N THR A 172 23.19 0.48 -27.04
CA THR A 172 22.57 1.48 -27.90
C THR A 172 23.05 1.28 -29.34
N TRP A 173 22.26 1.79 -30.29
CA TRP A 173 22.58 1.69 -31.70
C TRP A 173 23.09 2.99 -32.29
N LYS A 174 23.67 3.86 -31.47
CA LYS A 174 24.50 4.97 -31.91
C LYS A 174 25.78 4.98 -31.11
N ASN A 175 26.85 5.49 -31.73
CA ASN A 175 28.18 5.40 -31.15
C ASN A 175 28.31 6.39 -29.99
N VAL A 176 28.62 5.87 -28.81
CA VAL A 176 28.97 6.67 -27.64
C VAL A 176 30.27 6.12 -27.08
N ASP A 177 31.23 7.00 -26.79
CA ASP A 177 32.55 6.58 -26.32
C ASP A 177 32.53 6.58 -24.79
N LEU A 178 32.16 5.45 -24.22
CA LEU A 178 32.13 5.27 -22.77
C LEU A 178 32.50 3.84 -22.45
N PRO A 179 33.06 3.57 -21.26
CA PRO A 179 33.50 2.20 -20.96
C PRO A 179 32.36 1.23 -20.66
N TYR A 180 31.14 1.70 -20.47
CA TYR A 180 30.03 0.82 -20.14
C TYR A 180 28.94 0.78 -21.20
N VAL A 181 29.22 1.29 -22.40
CA VAL A 181 28.25 1.29 -23.49
C VAL A 181 28.68 0.27 -24.54
N ASP A 182 27.71 -0.50 -25.02
CA ASP A 182 27.89 -1.45 -26.11
C ASP A 182 27.08 -0.96 -27.31
N VAL A 183 27.76 -0.71 -28.41
CA VAL A 183 27.16 -0.16 -29.61
C VAL A 183 26.80 -1.30 -30.56
N VAL A 184 25.55 -1.31 -31.03
CA VAL A 184 25.11 -2.26 -32.03
C VAL A 184 24.68 -1.50 -33.27
N SER A 185 24.15 -2.20 -34.27
CA SER A 185 23.84 -1.57 -35.54
C SER A 185 22.44 -0.96 -35.57
N THR A 186 21.43 -1.72 -35.16
CA THR A 186 20.04 -1.28 -35.22
C THR A 186 19.37 -1.48 -33.87
N GLU A 187 18.11 -1.04 -33.79
CA GLU A 187 17.30 -1.27 -32.60
C GLU A 187 16.99 -2.76 -32.43
N ARG A 188 16.75 -3.45 -33.55
CA ARG A 188 16.54 -4.89 -33.52
C ARG A 188 17.71 -5.61 -32.85
N GLU A 189 18.93 -5.25 -33.26
CA GLU A 189 20.11 -5.89 -32.68
C GLU A 189 20.24 -5.56 -31.20
N MET A 190 19.85 -4.35 -30.80
CA MET A 190 19.91 -3.97 -29.40
C MET A 190 18.96 -4.82 -28.56
N ILE A 191 17.72 -4.97 -29.03
CA ILE A 191 16.75 -5.78 -28.29
C ILE A 191 17.20 -7.23 -28.23
N LYS A 192 17.72 -7.76 -29.36
CA LYS A 192 18.21 -9.13 -29.37
C LYS A 192 19.39 -9.30 -28.41
N ARG A 193 20.26 -8.30 -28.33
CA ARG A 193 21.39 -8.40 -27.42
C ARG A 193 20.93 -8.36 -25.97
N PHE A 194 19.93 -7.54 -25.66
CA PHE A 194 19.38 -7.56 -24.30
C PHE A 194 18.78 -8.93 -23.98
N LEU A 195 18.08 -9.52 -24.94
CA LEU A 195 17.55 -10.88 -24.75
C LEU A 195 18.67 -11.87 -24.48
N ARG A 196 19.77 -11.74 -25.20
CA ARG A 196 20.91 -12.64 -24.99
C ARG A 196 21.53 -12.42 -23.62
N VAL A 197 21.62 -11.17 -23.17
CA VAL A 197 22.14 -10.89 -21.83
C VAL A 197 21.26 -11.55 -20.78
N VAL A 198 19.94 -11.42 -20.92
CA VAL A 198 19.04 -12.01 -19.93
C VAL A 198 19.17 -13.54 -19.96
N LYS A 199 19.21 -14.12 -21.16
CA LYS A 199 19.28 -15.58 -21.27
C LYS A 199 20.59 -16.11 -20.70
N GLU A 200 21.69 -15.37 -20.89
CA GLU A 200 22.97 -15.82 -20.37
C GLU A 200 23.05 -15.66 -18.86
N LYS A 201 22.60 -14.51 -18.34
CA LYS A 201 22.66 -14.28 -16.90
C LYS A 201 21.62 -15.11 -16.17
N ASP A 202 20.46 -15.34 -16.78
CA ASP A 202 19.38 -16.13 -16.20
C ASP A 202 19.04 -15.69 -14.77
N PRO A 203 18.57 -14.46 -14.60
CA PRO A 203 18.23 -14.00 -13.24
C PRO A 203 16.94 -14.63 -12.76
N ASP A 204 16.82 -14.75 -11.44
CA ASP A 204 15.55 -15.18 -10.86
C ASP A 204 14.58 -14.02 -10.75
N VAL A 205 15.08 -12.80 -10.65
CA VAL A 205 14.27 -11.61 -10.47
C VAL A 205 14.67 -10.59 -11.53
N LEU A 206 13.68 -10.03 -12.22
CA LEU A 206 13.88 -8.92 -13.14
C LEU A 206 13.30 -7.66 -12.51
N ILE A 207 14.16 -6.69 -12.22
CA ILE A 207 13.78 -5.49 -11.48
C ILE A 207 13.52 -4.35 -12.46
N THR A 208 12.35 -3.73 -12.32
CA THR A 208 11.98 -2.56 -13.10
C THR A 208 11.38 -1.51 -12.18
N TYR A 209 11.31 -0.28 -12.69
CA TYR A 209 10.57 0.81 -12.06
C TYR A 209 9.45 1.20 -13.00
N ASN A 210 8.21 0.84 -12.64
CA ASN A 210 7.03 1.07 -13.46
C ASN A 210 7.10 0.30 -14.79
N GLY A 211 7.85 -0.81 -14.80
CA GLY A 211 7.84 -1.68 -15.97
C GLY A 211 6.50 -2.35 -16.21
N ASP A 212 5.64 -2.39 -15.19
CA ASP A 212 4.31 -2.97 -15.37
C ASP A 212 3.47 -2.17 -16.35
N ASN A 213 3.70 -0.86 -16.45
CA ASN A 213 2.84 0.02 -17.23
C ASN A 213 3.60 0.80 -18.29
N PHE A 214 4.85 0.48 -18.56
CA PHE A 214 5.59 1.19 -19.60
C PHE A 214 6.60 0.31 -20.32
N ASP A 215 7.72 0.00 -19.64
CA ASP A 215 8.87 -0.60 -20.30
C ASP A 215 8.48 -1.88 -21.04
N PHE A 216 7.70 -2.75 -20.39
CA PHE A 216 7.39 -4.03 -21.01
C PHE A 216 6.42 -3.88 -22.18
N ALA A 217 5.40 -3.03 -22.04
CA ALA A 217 4.47 -2.81 -23.15
C ALA A 217 5.16 -2.13 -24.33
N TYR A 218 6.06 -1.19 -24.03
CA TYR A 218 6.85 -0.54 -25.08
C TYR A 218 7.71 -1.56 -25.81
N LEU A 219 8.44 -2.39 -25.06
CA LEU A 219 9.26 -3.43 -25.68
C LEU A 219 8.39 -4.40 -26.48
N LYS A 220 7.16 -4.65 -26.04
CA LYS A 220 6.27 -5.54 -26.77
C LYS A 220 5.88 -4.95 -28.11
N LYS A 221 5.46 -3.67 -28.11
CA LYS A 221 5.10 -3.00 -29.36
C LYS A 221 6.28 -2.99 -30.33
N ARG A 222 7.48 -2.67 -29.83
CA ARG A 222 8.64 -2.62 -30.72
C ARG A 222 9.03 -4.02 -31.20
N CYS A 223 8.92 -5.03 -30.33
CA CYS A 223 9.29 -6.39 -30.70
C CYS A 223 8.36 -6.94 -31.77
N GLU A 224 7.07 -6.59 -31.71
CA GLU A 224 6.17 -7.03 -32.77
C GLU A 224 6.32 -6.20 -34.03
N LYS A 225 6.72 -4.93 -33.91
CA LYS A 225 6.93 -4.11 -35.09
C LYS A 225 8.18 -4.53 -35.87
N LEU A 226 9.16 -5.14 -35.20
CA LEU A 226 10.37 -5.59 -35.85
C LEU A 226 10.49 -7.10 -35.91
N GLY A 227 9.48 -7.84 -35.44
CA GLY A 227 9.49 -9.28 -35.52
C GLY A 227 10.51 -9.96 -34.64
N ILE A 228 10.48 -9.66 -33.35
CA ILE A 228 11.37 -10.28 -32.37
C ILE A 228 10.53 -11.10 -31.40
N ASN A 229 11.01 -12.30 -31.09
CA ASN A 229 10.39 -13.14 -30.06
C ASN A 229 10.97 -12.73 -28.71
N PHE A 230 10.15 -12.07 -27.89
CA PHE A 230 10.59 -11.52 -26.60
C PHE A 230 10.64 -12.63 -25.54
N ALA A 231 11.41 -13.67 -25.84
CA ALA A 231 11.46 -14.87 -25.01
C ALA A 231 12.31 -14.59 -23.76
N LEU A 232 11.74 -13.79 -22.86
CA LEU A 232 12.39 -13.55 -21.58
C LEU A 232 12.09 -14.64 -20.57
N GLY A 233 10.95 -15.29 -20.68
CA GLY A 233 10.61 -16.34 -19.74
C GLY A 233 11.57 -17.51 -19.81
N ARG A 234 11.80 -18.13 -18.65
CA ARG A 234 12.71 -19.27 -18.59
C ARG A 234 12.21 -20.46 -19.38
N ASP A 235 10.91 -20.52 -19.66
CA ASP A 235 10.33 -21.57 -20.50
C ASP A 235 10.20 -21.17 -21.96
N GLY A 236 10.83 -20.06 -22.35
CA GLY A 236 10.79 -19.60 -23.72
C GLY A 236 9.62 -18.69 -24.06
N SER A 237 8.72 -18.43 -23.11
CA SER A 237 7.57 -17.58 -23.37
C SER A 237 7.96 -16.11 -23.28
N GLU A 238 7.04 -15.25 -23.70
CA GLU A 238 7.22 -13.82 -23.63
C GLU A 238 6.34 -13.22 -22.52
N PRO A 239 6.66 -12.02 -22.05
CA PRO A 239 5.90 -11.42 -20.95
C PRO A 239 4.40 -11.45 -21.17
N LYS A 240 3.68 -11.95 -20.16
CA LYS A 240 2.23 -12.06 -20.18
C LYS A 240 1.63 -10.85 -19.48
N ILE A 241 0.75 -10.13 -20.17
CA ILE A 241 0.11 -8.95 -19.61
C ILE A 241 -1.19 -9.37 -18.93
N GLN A 242 -1.43 -8.85 -17.74
CA GLN A 242 -2.61 -9.18 -16.96
C GLN A 242 -3.22 -7.90 -16.40
N ARG A 243 -4.50 -7.99 -16.05
CA ARG A 243 -5.22 -6.87 -15.47
C ARG A 243 -4.95 -6.77 -13.97
N MET A 244 -4.81 -5.55 -13.46
CA MET A 244 -4.59 -5.31 -12.03
C MET A 244 -5.50 -4.17 -11.57
N GLY A 245 -6.80 -4.36 -11.77
CA GLY A 245 -7.76 -3.32 -11.53
C GLY A 245 -7.84 -2.35 -12.69
N ASP A 246 -7.40 -1.12 -12.46
CA ASP A 246 -7.35 -0.11 -13.51
C ASP A 246 -6.03 -0.13 -14.28
N ARG A 247 -4.96 -0.60 -13.66
CA ARG A 247 -3.66 -0.67 -14.30
C ARG A 247 -3.40 -2.09 -14.83
N PHE A 248 -2.19 -2.30 -15.33
CA PHE A 248 -1.77 -3.58 -15.85
C PHE A 248 -0.59 -4.10 -15.03
N ALA A 249 -0.32 -5.39 -15.19
CA ALA A 249 0.83 -6.04 -14.58
C ALA A 249 1.45 -6.99 -15.61
N VAL A 250 2.73 -7.28 -15.44
CA VAL A 250 3.49 -8.05 -16.41
C VAL A 250 4.14 -9.22 -15.70
N GLU A 251 3.84 -10.43 -16.15
CA GLU A 251 4.47 -11.65 -15.67
C GLU A 251 5.57 -12.09 -16.64
N VAL A 252 6.60 -12.71 -16.07
CA VAL A 252 7.67 -13.34 -16.85
C VAL A 252 7.85 -14.74 -16.25
N LYS A 253 7.34 -15.76 -16.94
CA LYS A 253 7.30 -17.11 -16.39
C LYS A 253 8.70 -17.60 -16.05
N GLY A 254 8.76 -18.47 -15.02
CA GLY A 254 10.02 -18.91 -14.47
C GLY A 254 10.81 -17.88 -13.69
N ARG A 255 10.47 -16.59 -13.83
CA ARG A 255 11.14 -15.52 -13.12
C ARG A 255 10.14 -14.75 -12.28
N ILE A 256 10.64 -13.78 -11.52
CA ILE A 256 9.80 -12.89 -10.73
C ILE A 256 10.05 -11.47 -11.24
N HIS A 257 9.04 -10.88 -11.87
CA HIS A 257 9.14 -9.48 -12.29
C HIS A 257 8.82 -8.60 -11.09
N PHE A 258 9.85 -7.97 -10.53
CA PHE A 258 9.73 -7.08 -9.38
C PHE A 258 9.67 -5.65 -9.91
N ASP A 259 8.46 -5.09 -9.95
CA ASP A 259 8.26 -3.68 -10.25
C ASP A 259 8.29 -2.90 -8.94
N LEU A 260 9.28 -2.03 -8.80
CA LEU A 260 9.45 -1.32 -7.55
C LEU A 260 8.34 -0.31 -7.30
N TYR A 261 7.75 0.23 -8.37
CA TYR A 261 6.87 1.40 -8.22
C TYR A 261 5.72 1.18 -7.25
N PRO A 262 4.88 0.14 -7.37
CA PRO A 262 3.81 0.00 -6.36
C PRO A 262 4.33 -0.26 -4.97
N VAL A 263 5.43 -1.00 -4.85
CA VAL A 263 6.01 -1.27 -3.53
C VAL A 263 6.42 0.04 -2.84
N ILE A 264 7.11 0.91 -3.58
CA ILE A 264 7.57 2.17 -3.01
C ILE A 264 6.39 3.07 -2.70
N ARG A 265 5.43 3.16 -3.63
CA ARG A 265 4.26 4.02 -3.41
C ARG A 265 3.47 3.56 -2.19
N ARG A 266 3.43 2.25 -1.94
CA ARG A 266 2.69 1.71 -0.81
C ARG A 266 3.47 1.72 0.49
N THR A 267 4.80 1.80 0.43
CA THR A 267 5.64 1.76 1.61
C THR A 267 6.03 3.14 2.13
N ILE A 268 6.48 4.03 1.24
CA ILE A 268 6.94 5.36 1.61
C ILE A 268 5.99 6.39 1.01
N ASN A 269 5.75 7.46 1.77
CA ASN A 269 4.92 8.57 1.32
C ASN A 269 5.83 9.74 0.94
N LEU A 270 5.79 10.11 -0.33
CA LEU A 270 6.60 11.19 -0.90
C LEU A 270 5.70 12.14 -1.66
N PRO A 271 6.11 13.41 -1.81
CA PRO A 271 5.34 14.31 -2.67
C PRO A 271 5.29 13.85 -4.12
N THR A 272 6.41 13.40 -4.67
CA THR A 272 6.46 12.81 -5.99
C THR A 272 7.17 11.47 -5.92
N TYR A 273 6.85 10.60 -6.87
CA TYR A 273 7.38 9.24 -6.89
C TYR A 273 8.22 9.02 -8.14
N THR A 274 9.03 10.00 -8.51
CA THR A 274 9.99 9.83 -9.58
C THR A 274 11.18 9.01 -9.08
N LEU A 275 11.84 8.32 -10.02
CA LEU A 275 12.98 7.49 -9.67
C LEU A 275 14.05 8.30 -8.95
N GLU A 276 14.28 9.54 -9.39
CA GLU A 276 15.26 10.41 -8.73
C GLU A 276 14.85 10.68 -7.29
N ALA A 277 13.59 11.06 -7.08
CA ALA A 277 13.12 11.38 -5.73
C ALA A 277 13.13 10.14 -4.84
N VAL A 278 12.68 9.00 -5.38
CA VAL A 278 12.66 7.76 -4.60
C VAL A 278 14.07 7.36 -4.18
N TYR A 279 15.03 7.46 -5.11
CA TYR A 279 16.40 7.13 -4.80
C TYR A 279 16.97 8.08 -3.74
N GLU A 280 16.72 9.39 -3.91
CA GLU A 280 17.23 10.35 -2.95
C GLU A 280 16.58 10.19 -1.58
N ALA A 281 15.36 9.65 -1.53
CA ALA A 281 14.71 9.42 -0.25
C ALA A 281 15.25 8.16 0.44
N VAL A 282 15.46 7.09 -0.33
CA VAL A 282 15.87 5.83 0.28
C VAL A 282 17.35 5.86 0.64
N PHE A 283 18.19 6.51 -0.18
CA PHE A 283 19.63 6.46 0.02
C PHE A 283 20.26 7.81 0.34
N GLY A 284 19.53 8.91 0.24
CA GLY A 284 20.06 10.22 0.57
C GLY A 284 20.91 10.88 -0.49
N GLN A 285 21.43 10.11 -1.44
CA GLN A 285 22.25 10.81 -2.42
C GLN A 285 21.41 11.21 -3.63
N PRO A 286 21.63 12.41 -4.17
CA PRO A 286 20.80 12.86 -5.29
C PRO A 286 21.12 12.12 -6.57
N LYS A 287 20.20 12.21 -7.52
CA LYS A 287 20.35 11.58 -8.83
C LYS A 287 19.88 12.56 -9.89
N GLU A 288 20.76 12.90 -10.84
CA GLU A 288 20.42 13.85 -11.87
C GLU A 288 19.34 13.28 -12.79
N LYS A 289 18.38 14.12 -13.16
CA LYS A 289 17.32 13.75 -14.08
C LYS A 289 17.58 14.40 -15.44
N VAL A 290 17.44 13.61 -16.49
CA VAL A 290 17.53 14.11 -17.86
C VAL A 290 16.16 13.91 -18.49
N TYR A 291 15.57 15.00 -19.00
CA TYR A 291 14.21 14.98 -19.50
C TYR A 291 14.17 14.54 -20.96
N ALA A 292 12.97 14.14 -21.39
CA ALA A 292 12.81 13.52 -22.71
C ALA A 292 13.18 14.46 -23.84
N GLU A 293 12.96 15.76 -23.66
CA GLU A 293 13.32 16.73 -24.69
C GLU A 293 14.82 16.73 -24.95
N GLU A 294 15.60 16.71 -23.87
CA GLU A 294 17.06 16.70 -23.99
C GLU A 294 17.52 15.49 -24.78
N ILE A 295 17.02 14.29 -24.43
CA ILE A 295 17.50 13.08 -25.10
C ILE A 295 16.98 13.02 -26.53
N THR A 296 15.79 13.56 -26.79
CA THR A 296 15.29 13.60 -28.16
C THR A 296 16.17 14.47 -29.04
N THR A 297 16.51 15.67 -28.57
CA THR A 297 17.40 16.53 -29.35
C THR A 297 18.80 15.92 -29.46
N ALA A 298 19.27 15.28 -28.39
CA ALA A 298 20.59 14.66 -28.43
C ALA A 298 20.65 13.50 -29.42
N TRP A 299 19.54 12.79 -29.60
CA TRP A 299 19.51 11.70 -30.56
C TRP A 299 19.36 12.23 -31.98
N GLU A 300 18.45 13.18 -32.20
CA GLU A 300 18.22 13.69 -33.55
C GLU A 300 19.43 14.47 -34.06
N THR A 301 20.18 15.12 -33.17
CA THR A 301 21.35 15.89 -33.57
C THR A 301 22.66 15.14 -33.39
N GLY A 302 22.68 14.09 -32.56
CA GLY A 302 23.87 13.30 -32.38
C GLY A 302 24.90 13.88 -31.43
N GLU A 303 24.54 14.89 -30.64
CA GLU A 303 25.46 15.53 -29.72
C GLU A 303 24.99 15.29 -28.29
N ASN A 304 25.95 15.37 -27.36
CA ASN A 304 25.68 15.23 -25.92
C ASN A 304 25.05 13.88 -25.58
N LEU A 305 25.35 12.85 -26.38
CA LEU A 305 24.76 11.53 -26.15
C LEU A 305 25.35 10.85 -24.93
N GLU A 306 26.56 11.22 -24.52
CA GLU A 306 27.16 10.62 -23.33
C GLU A 306 26.36 10.95 -22.08
N ARG A 307 25.73 12.13 -22.05
CA ARG A 307 24.86 12.48 -20.93
C ARG A 307 23.65 11.55 -20.85
N VAL A 308 23.06 11.22 -22.00
CA VAL A 308 21.93 10.30 -22.02
C VAL A 308 22.37 8.89 -21.64
N ALA A 309 23.57 8.50 -22.08
CA ALA A 309 24.10 7.20 -21.67
C ALA A 309 24.31 7.14 -20.17
N ARG A 310 24.85 8.21 -19.58
CA ARG A 310 24.97 8.29 -18.13
C ARG A 310 23.62 8.19 -17.45
N TYR A 311 22.61 8.88 -17.98
CA TYR A 311 21.28 8.84 -17.37
C TYR A 311 20.72 7.42 -17.39
N SER A 312 20.87 6.71 -18.52
CA SER A 312 20.37 5.33 -18.61
C SER A 312 21.12 4.40 -17.68
N MET A 313 22.45 4.52 -17.63
CA MET A 313 23.25 3.69 -16.74
C MET A 313 22.87 3.93 -15.29
N GLU A 314 22.70 5.20 -14.89
CA GLU A 314 22.33 5.51 -13.52
C GLU A 314 20.93 5.02 -13.20
N ASP A 315 20.01 5.09 -14.18
CA ASP A 315 18.69 4.52 -13.99
C ASP A 315 18.79 3.04 -13.62
N ALA A 316 19.49 2.26 -14.46
CA ALA A 316 19.64 0.84 -14.18
C ALA A 316 20.28 0.60 -12.83
N LYS A 317 21.33 1.35 -12.50
CA LYS A 317 22.06 1.17 -11.25
C LYS A 317 21.16 1.42 -10.04
N VAL A 318 20.42 2.53 -10.06
CA VAL A 318 19.60 2.87 -8.89
C VAL A 318 18.42 1.92 -8.77
N THR A 319 17.85 1.45 -9.89
CA THR A 319 16.79 0.46 -9.77
C THR A 319 17.33 -0.85 -9.20
N TYR A 320 18.56 -1.23 -9.56
CA TYR A 320 19.15 -2.44 -8.97
C TYR A 320 19.36 -2.28 -7.47
N GLU A 321 19.87 -1.11 -7.04
CA GLU A 321 20.09 -0.89 -5.62
C GLU A 321 18.77 -0.87 -4.84
N LEU A 322 17.75 -0.22 -5.40
CA LEU A 322 16.45 -0.20 -4.75
C LEU A 322 15.85 -1.60 -4.67
N GLY A 323 16.04 -2.41 -5.71
CA GLY A 323 15.56 -3.78 -5.65
C GLY A 323 16.29 -4.58 -4.58
N LYS A 324 17.60 -4.43 -4.49
CA LYS A 324 18.35 -5.09 -3.43
C LYS A 324 17.84 -4.68 -2.05
N GLU A 325 17.45 -3.42 -1.90
CA GLU A 325 16.98 -2.97 -0.59
C GLU A 325 15.57 -3.48 -0.28
N PHE A 326 14.69 -3.52 -1.28
CA PHE A 326 13.27 -3.74 -1.03
C PHE A 326 12.79 -5.17 -1.23
N LEU A 327 13.52 -6.01 -1.97
CA LEU A 327 13.02 -7.36 -2.26
C LEU A 327 13.00 -8.25 -1.03
N PRO A 328 14.07 -8.36 -0.22
CA PRO A 328 13.99 -9.20 0.98
C PRO A 328 12.89 -8.78 1.92
N MET A 329 12.49 -7.52 1.86
CA MET A 329 11.41 -7.01 2.70
C MET A 329 10.06 -7.49 2.22
N GLU A 330 9.81 -7.40 0.90
CA GLU A 330 8.57 -7.89 0.33
C GLU A 330 8.47 -9.41 0.38
N ALA A 331 9.62 -10.10 0.45
CA ALA A 331 9.59 -11.54 0.67
C ALA A 331 8.94 -11.90 2.01
N GLN A 332 9.11 -11.02 3.01
CA GLN A 332 8.42 -11.24 4.29
C GLN A 332 6.91 -11.13 4.12
N LEU A 333 6.45 -10.19 3.31
CA LEU A 333 5.02 -10.12 2.99
C LEU A 333 4.57 -11.39 2.28
N SER A 334 5.38 -11.90 1.36
CA SER A 334 5.06 -13.14 0.67
C SER A 334 4.91 -14.30 1.65
N ARG A 335 5.82 -14.39 2.61
CA ARG A 335 5.74 -15.45 3.62
C ARG A 335 4.52 -15.25 4.53
N LEU A 336 4.22 -14.02 4.89
CA LEU A 336 3.10 -13.76 5.80
C LEU A 336 1.76 -14.09 5.16
N ILE A 337 1.56 -13.71 3.90
CA ILE A 337 0.29 -13.98 3.23
C ILE A 337 0.23 -15.37 2.62
N GLY A 338 1.37 -15.99 2.34
CA GLY A 338 1.37 -17.30 1.73
C GLY A 338 1.11 -17.29 0.23
N GLN A 339 1.43 -16.19 -0.45
CA GLN A 339 1.28 -16.08 -1.88
C GLN A 339 2.57 -15.56 -2.49
N SER A 340 2.65 -15.64 -3.82
CA SER A 340 3.90 -15.33 -4.51
C SER A 340 4.29 -13.87 -4.31
N LEU A 341 5.61 -13.62 -4.34
CA LEU A 341 6.12 -12.26 -4.25
C LEU A 341 5.52 -11.38 -5.35
N TRP A 342 5.41 -11.92 -6.56
CA TRP A 342 4.81 -11.19 -7.67
C TRP A 342 3.40 -10.73 -7.31
N ASP A 343 2.63 -11.58 -6.63
CA ASP A 343 1.25 -11.24 -6.29
C ASP A 343 1.20 -10.21 -5.17
N VAL A 344 1.90 -10.49 -4.06
CA VAL A 344 1.80 -9.61 -2.90
C VAL A 344 2.44 -8.25 -3.14
N SER A 345 3.32 -8.15 -4.14
CA SER A 345 3.94 -6.84 -4.40
C SER A 345 2.97 -5.89 -5.09
N ARG A 346 1.98 -6.42 -5.81
CA ARG A 346 1.04 -5.58 -6.54
C ARG A 346 -0.39 -5.64 -6.02
N SER A 347 -0.72 -6.62 -5.21
CA SER A 347 -2.10 -6.80 -4.75
C SER A 347 -2.44 -5.77 -3.68
N SER A 348 -3.72 -5.39 -3.63
CA SER A 348 -4.19 -4.42 -2.66
C SER A 348 -4.20 -5.03 -1.26
N THR A 349 -4.38 -4.16 -0.26
CA THR A 349 -4.42 -4.63 1.12
C THR A 349 -5.59 -5.58 1.36
N GLY A 350 -6.76 -5.25 0.80
CA GLY A 350 -7.92 -6.11 0.99
C GLY A 350 -7.71 -7.51 0.44
N ASN A 351 -7.09 -7.61 -0.73
CA ASN A 351 -6.84 -8.94 -1.31
C ASN A 351 -5.79 -9.70 -0.51
N LEU A 352 -4.78 -9.00 0.01
CA LEU A 352 -3.85 -9.63 0.94
C LEU A 352 -4.57 -10.22 2.13
N VAL A 353 -5.47 -9.44 2.73
CA VAL A 353 -6.23 -9.91 3.89
C VAL A 353 -7.10 -11.10 3.50
N GLU A 354 -7.72 -11.05 2.33
CA GLU A 354 -8.60 -12.13 1.92
C GLU A 354 -7.82 -13.42 1.69
N TRP A 355 -6.62 -13.33 1.11
N TRP A 355 -6.62 -13.33 1.11
CA TRP A 355 -5.79 -14.51 0.91
CA TRP A 355 -5.81 -14.53 0.91
C TRP A 355 -5.33 -15.08 2.24
C TRP A 355 -5.33 -15.09 2.24
N PHE A 356 -4.90 -14.21 3.17
CA PHE A 356 -4.51 -14.67 4.50
C PHE A 356 -5.68 -15.37 5.20
N LEU A 357 -6.87 -14.79 5.12
CA LEU A 357 -8.04 -15.37 5.77
C LEU A 357 -8.44 -16.67 5.10
N LEU A 358 -8.31 -16.77 3.78
CA LEU A 358 -8.64 -18.00 3.09
C LEU A 358 -7.69 -19.12 3.47
N ARG A 359 -6.40 -18.82 3.55
CA ARG A 359 -5.43 -19.82 3.99
C ARG A 359 -5.73 -20.28 5.42
N LYS A 360 -5.99 -19.32 6.31
CA LYS A 360 -6.32 -19.68 7.69
C LYS A 360 -7.59 -20.51 7.77
N ALA A 361 -8.60 -20.17 6.95
CA ALA A 361 -9.85 -20.93 6.95
C ALA A 361 -9.63 -22.36 6.48
N TYR A 362 -8.79 -22.54 5.45
CA TYR A 362 -8.47 -23.88 5.02
C TYR A 362 -7.75 -24.64 6.13
N GLU A 363 -6.88 -23.96 6.87
CA GLU A 363 -6.17 -24.63 7.96
C GLU A 363 -7.12 -25.15 9.03
N ARG A 364 -8.23 -24.46 9.28
CA ARG A 364 -9.17 -24.86 10.32
C ARG A 364 -10.41 -25.56 9.76
N ASN A 365 -10.38 -25.99 8.49
CA ASN A 365 -11.52 -26.65 7.85
C ASN A 365 -12.79 -25.80 7.93
N GLU A 366 -12.61 -24.49 7.82
CA GLU A 366 -13.73 -23.55 7.85
C GLU A 366 -14.15 -23.24 6.43
N LEU A 367 -15.42 -23.49 6.11
CA LEU A 367 -15.94 -23.19 4.79
C LEU A 367 -15.95 -21.68 4.58
N ALA A 368 -15.28 -21.23 3.51
CA ALA A 368 -15.16 -19.80 3.27
C ALA A 368 -16.49 -19.22 2.80
N PRO A 369 -16.96 -18.13 3.40
CA PRO A 369 -18.17 -17.47 2.88
C PRO A 369 -17.92 -16.87 1.51
N ASN A 370 -19.01 -16.63 0.79
CA ASN A 370 -18.91 -16.12 -0.57
C ASN A 370 -18.90 -14.59 -0.59
N LYS A 371 -18.36 -14.05 -1.67
CA LYS A 371 -18.43 -12.61 -1.88
C LYS A 371 -19.88 -12.19 -2.13
N PRO A 372 -20.24 -10.97 -1.76
CA PRO A 372 -21.64 -10.56 -1.86
C PRO A 372 -22.07 -10.35 -3.30
N ASP A 373 -23.35 -10.61 -3.56
CA ASP A 373 -23.94 -10.24 -4.84
C ASP A 373 -24.36 -8.78 -4.79
N GLU A 374 -25.02 -8.32 -5.85
CA GLU A 374 -25.33 -6.90 -5.98
C GLU A 374 -26.33 -6.45 -4.92
N LYS A 375 -27.39 -7.22 -4.71
CA LYS A 375 -28.37 -6.88 -3.67
C LYS A 375 -27.74 -6.91 -2.28
N GLU A 376 -26.89 -7.91 -2.02
CA GLU A 376 -26.25 -7.99 -0.72
C GLU A 376 -25.24 -6.87 -0.53
N LEU A 377 -24.53 -6.52 -1.60
CA LEU A 377 -23.69 -5.32 -1.56
C LEU A 377 -24.51 -4.09 -1.23
N ALA A 378 -25.74 -4.03 -1.75
CA ALA A 378 -26.62 -2.90 -1.46
C ALA A 378 -27.01 -2.86 0.01
N ARG A 379 -27.33 -4.02 0.60
CA ARG A 379 -27.67 -4.04 2.02
C ARG A 379 -26.50 -3.57 2.87
N ARG A 380 -25.28 -3.93 2.48
CA ARG A 380 -24.09 -3.59 3.26
C ARG A 380 -23.66 -2.14 3.10
N ARG A 381 -24.42 -1.33 2.37
CA ARG A 381 -24.12 0.10 2.28
C ARG A 381 -24.65 0.82 3.52
N GLN A 382 -24.27 0.34 4.69
CA GLN A 382 -24.72 0.90 5.96
C GLN A 382 -23.69 1.90 6.48
N LYS A 383 -23.95 2.39 7.69
CA LYS A 383 -23.08 3.38 8.32
C LYS A 383 -23.04 3.11 9.82
N TYR A 384 -21.84 3.02 10.38
CA TYR A 384 -21.65 2.84 11.81
C TYR A 384 -20.66 3.85 12.33
N GLU A 385 -20.77 4.16 13.62
CA GLU A 385 -19.92 5.17 14.23
C GLU A 385 -18.48 4.68 14.30
N GLY A 386 -17.57 5.62 14.52
CA GLY A 386 -16.16 5.30 14.58
C GLY A 386 -15.53 5.59 15.91
N GLY A 387 -14.25 5.96 15.91
CA GLY A 387 -13.57 6.27 17.14
C GLY A 387 -13.94 7.63 17.69
N TYR A 388 -13.79 7.76 19.00
CA TYR A 388 -14.04 9.03 19.68
C TYR A 388 -12.90 9.99 19.42
N VAL A 389 -13.23 11.28 19.27
CA VAL A 389 -12.22 12.32 19.10
C VAL A 389 -12.79 13.60 19.68
N LYS A 390 -11.96 14.30 20.47
CA LYS A 390 -12.39 15.49 21.18
C LYS A 390 -11.74 16.73 20.59
N GLU A 391 -12.45 17.84 20.67
CA GLU A 391 -11.89 19.12 20.27
C GLU A 391 -10.72 19.45 21.18
N PRO A 392 -9.51 19.65 20.65
CA PRO A 392 -8.35 19.85 21.52
C PRO A 392 -8.43 21.16 22.27
N GLU A 393 -7.89 21.16 23.48
CA GLU A 393 -7.67 22.40 24.20
C GLU A 393 -6.61 23.20 23.43
N ARG A 394 -7.06 23.98 22.44
CA ARG A 394 -6.15 24.57 21.46
C ARG A 394 -5.12 25.45 22.13
N GLY A 395 -3.92 25.47 21.55
CA GLY A 395 -2.87 26.33 22.06
C GLY A 395 -1.62 25.58 22.45
N LEU A 396 -0.80 26.20 23.27
CA LEU A 396 0.49 25.66 23.66
C LEU A 396 0.43 25.16 25.10
N TRP A 397 0.98 23.97 25.32
CA TRP A 397 1.03 23.34 26.64
C TRP A 397 2.43 22.83 26.90
N GLU A 398 2.71 22.56 28.17
CA GLU A 398 4.02 22.09 28.61
C GLU A 398 3.85 20.86 29.50
N ASN A 399 4.91 20.04 29.53
CA ASN A 399 4.96 18.83 30.36
C ASN A 399 3.78 17.90 30.05
N ILE A 400 3.78 17.40 28.82
CA ILE A 400 2.69 16.58 28.30
C ILE A 400 3.12 15.11 28.26
N VAL A 401 2.20 14.22 28.59
CA VAL A 401 2.40 12.78 28.47
C VAL A 401 1.35 12.24 27.51
N TYR A 402 1.80 11.38 26.58
CA TYR A 402 0.90 10.70 25.66
C TYR A 402 0.74 9.26 26.12
N LEU A 403 -0.50 8.86 26.39
CA LEU A 403 -0.81 7.51 26.80
C LEU A 403 -1.77 6.91 25.79
N ASP A 404 -1.47 5.70 25.31
CA ASP A 404 -2.34 5.09 24.32
C ASP A 404 -2.41 3.58 24.52
N PHE A 405 -3.47 2.98 23.98
CA PHE A 405 -3.66 1.54 24.11
C PHE A 405 -2.76 0.79 23.15
N ARG A 406 -2.49 -0.48 23.48
CA ARG A 406 -1.74 -1.36 22.60
C ARG A 406 -2.74 -2.08 21.69
N SER A 407 -2.66 -1.78 20.38
CA SER A 407 -3.50 -2.41 19.38
C SER A 407 -4.95 -2.46 19.83
N LEU A 408 -5.58 -1.29 19.94
CA LEU A 408 -6.89 -1.17 20.57
C LEU A 408 -7.90 -2.13 19.96
N TYR A 409 -8.11 -2.05 18.64
CA TYR A 409 -9.19 -2.82 18.03
C TYR A 409 -8.89 -4.32 18.03
N PRO A 410 -7.69 -4.78 17.67
CA PRO A 410 -7.42 -6.23 17.79
C PRO A 410 -7.50 -6.72 19.22
N SER A 411 -7.03 -5.93 20.19
CA SER A 411 -7.14 -6.34 21.58
C SER A 411 -8.60 -6.45 22.02
N ILE A 412 -9.45 -5.56 21.52
CA ILE A 412 -10.88 -5.66 21.81
C ILE A 412 -11.45 -6.95 21.21
N ILE A 413 -11.13 -7.21 19.94
CA ILE A 413 -11.62 -8.41 19.27
C ILE A 413 -11.21 -9.66 20.04
N ILE A 414 -9.96 -9.68 20.52
CA ILE A 414 -9.46 -10.85 21.24
C ILE A 414 -10.15 -10.96 22.60
N THR A 415 -10.25 -9.84 23.32
CA THR A 415 -10.75 -9.88 24.70
C THR A 415 -12.22 -10.27 24.74
N HIS A 416 -13.02 -9.79 23.80
CA HIS A 416 -14.45 -10.06 23.82
C HIS A 416 -14.89 -11.08 22.77
N ASN A 417 -13.93 -11.78 22.14
CA ASN A 417 -14.23 -12.84 21.18
C ASN A 417 -15.11 -12.33 20.04
N VAL A 418 -14.83 -11.13 19.57
CA VAL A 418 -15.62 -10.53 18.51
C VAL A 418 -15.31 -11.25 17.20
N SER A 419 -16.32 -11.89 16.61
CA SER A 419 -16.18 -12.64 15.38
C SER A 419 -17.55 -12.93 14.79
N PRO A 420 -17.68 -13.00 13.47
CA PRO A 420 -18.99 -13.32 12.87
C PRO A 420 -19.54 -14.66 13.33
N ASP A 421 -18.67 -15.62 13.66
CA ASP A 421 -19.10 -16.94 14.10
C ASP A 421 -19.50 -16.98 15.58
N THR A 422 -19.30 -15.89 16.31
CA THR A 422 -19.67 -15.83 17.72
C THR A 422 -20.80 -14.85 18.00
N LEU A 423 -21.27 -14.13 16.99
CA LEU A 423 -22.29 -13.10 17.19
C LEU A 423 -23.66 -13.75 17.37
N ASN A 424 -24.30 -13.45 18.50
CA ASN A 424 -25.66 -13.93 18.79
C ASN A 424 -25.77 -15.45 18.65
N ARG A 425 -24.73 -16.15 19.10
CA ARG A 425 -24.67 -17.60 18.98
C ARG A 425 -25.53 -18.23 20.05
N GLU A 426 -26.64 -18.83 19.64
CA GLU A 426 -27.58 -19.44 20.58
C GLU A 426 -26.94 -20.58 21.35
N GLY A 427 -27.16 -20.62 22.65
CA GLY A 427 -26.84 -21.77 23.47
C GLY A 427 -25.57 -21.71 24.29
N CYS A 428 -24.80 -20.63 24.19
CA CYS A 428 -23.60 -20.55 25.02
C CYS A 428 -23.95 -20.04 26.41
N GLY A 429 -23.01 -20.22 27.34
CA GLY A 429 -23.23 -19.86 28.73
C GLY A 429 -22.55 -18.58 29.17
N GLU A 430 -21.57 -18.12 28.41
CA GLU A 430 -20.83 -16.90 28.73
C GLU A 430 -20.87 -15.95 27.54
N TYR A 431 -21.50 -14.79 27.72
CA TYR A 431 -21.67 -13.80 26.67
C TYR A 431 -20.97 -12.51 27.07
N ASP A 432 -20.56 -11.74 26.05
CA ASP A 432 -20.09 -10.37 26.24
C ASP A 432 -20.95 -9.46 25.38
N VAL A 433 -21.46 -8.39 25.99
CA VAL A 433 -22.41 -7.48 25.36
C VAL A 433 -21.70 -6.16 25.06
N ALA A 434 -21.78 -5.71 23.82
CA ALA A 434 -21.12 -4.49 23.39
C ALA A 434 -21.89 -3.26 23.88
N PRO A 435 -21.19 -2.21 24.27
CA PRO A 435 -21.87 -0.98 24.70
C PRO A 435 -22.66 -0.36 23.55
N GLN A 436 -23.74 0.34 23.92
CA GLN A 436 -24.60 1.06 22.99
C GLN A 436 -25.28 0.13 21.98
N VAL A 437 -24.49 -0.51 21.11
CA VAL A 437 -25.08 -1.30 20.03
C VAL A 437 -25.70 -2.58 20.55
N GLY A 438 -25.24 -3.10 21.69
CA GLY A 438 -25.87 -4.21 22.35
C GLY A 438 -25.65 -5.58 21.75
N HIS A 439 -24.73 -5.72 20.81
CA HIS A 439 -24.46 -7.03 20.22
C HIS A 439 -23.77 -7.94 21.23
N ARG A 440 -24.18 -9.20 21.25
CA ARG A 440 -23.65 -10.19 22.18
C ARG A 440 -22.77 -11.19 21.44
N PHE A 441 -21.70 -11.62 22.10
CA PHE A 441 -20.73 -12.55 21.52
C PHE A 441 -20.47 -13.67 22.51
N CYS A 442 -20.58 -14.92 22.03
CA CYS A 442 -20.32 -16.08 22.86
C CYS A 442 -18.83 -16.22 23.13
N LYS A 443 -18.50 -16.62 24.36
CA LYS A 443 -17.11 -16.78 24.78
C LYS A 443 -16.75 -18.22 25.08
N ASP A 444 -17.66 -19.17 24.83
CA ASP A 444 -17.35 -20.57 25.11
C ASP A 444 -16.26 -21.08 24.18
N LEU A 445 -16.41 -20.87 22.89
CA LEU A 445 -15.41 -21.28 21.91
C LEU A 445 -14.74 -20.05 21.32
N PRO A 446 -13.41 -20.02 21.23
CA PRO A 446 -12.74 -18.86 20.64
C PRO A 446 -13.07 -18.70 19.17
N GLY A 447 -13.27 -17.45 18.76
CA GLY A 447 -13.65 -17.17 17.40
C GLY A 447 -12.49 -17.23 16.41
N PHE A 448 -12.85 -17.34 15.14
CA PHE A 448 -11.87 -17.39 14.06
C PHE A 448 -10.97 -16.15 14.08
N ILE A 449 -11.59 -14.98 13.87
CA ILE A 449 -10.82 -13.73 13.86
C ILE A 449 -10.06 -13.50 15.15
N PRO A 450 -10.63 -13.69 16.36
CA PRO A 450 -9.82 -13.53 17.57
C PRO A 450 -8.62 -14.44 17.61
N SER A 451 -8.76 -15.70 17.16
CA SER A 451 -7.62 -16.61 17.18
C SER A 451 -6.50 -16.13 16.27
N LEU A 452 -6.84 -15.79 15.02
CA LEU A 452 -5.81 -15.29 14.10
C LEU A 452 -5.16 -14.02 14.64
N LEU A 453 -5.96 -13.10 15.18
CA LEU A 453 -5.42 -11.84 15.67
C LEU A 453 -4.53 -12.07 16.89
N GLY A 454 -4.90 -13.01 17.76
CA GLY A 454 -4.05 -13.31 18.90
C GLY A 454 -2.70 -13.85 18.49
N ASP A 455 -2.71 -14.82 17.56
CA ASP A 455 -1.45 -15.33 17.03
C ASP A 455 -0.62 -14.20 16.43
N LEU A 456 -1.26 -13.30 15.68
CA LEU A 456 -0.53 -12.23 15.00
C LEU A 456 0.08 -11.26 16.01
N LEU A 457 -0.69 -10.86 17.02
CA LEU A 457 -0.16 -9.93 18.03
C LEU A 457 0.95 -10.57 18.85
N GLU A 458 0.82 -11.87 19.14
CA GLU A 458 1.88 -12.57 19.84
C GLU A 458 3.17 -12.57 19.03
N GLU A 459 3.06 -12.87 17.72
CA GLU A 459 4.23 -12.86 16.86
C GLU A 459 4.84 -11.47 16.77
N ARG A 460 4.00 -10.43 16.67
CA ARG A 460 4.51 -9.06 16.59
C ARG A 460 5.26 -8.69 17.86
N GLN A 461 4.73 -9.08 19.03
CA GLN A 461 5.43 -8.78 20.28
C GLN A 461 6.75 -9.53 20.36
N LYS A 462 6.78 -10.79 19.90
CA LYS A 462 8.04 -11.52 19.86
C LYS A 462 9.05 -10.82 18.95
N ILE A 463 8.59 -10.29 17.82
CA ILE A 463 9.48 -9.62 16.88
C ILE A 463 10.04 -8.34 17.50
N LYS A 464 9.18 -7.54 18.13
CA LYS A 464 9.64 -6.32 18.79
C LYS A 464 10.60 -6.63 19.92
N LYS A 465 10.40 -7.76 20.60
CA LYS A 465 11.33 -8.18 21.65
C LYS A 465 12.69 -8.52 21.06
N LYS A 466 12.72 -9.37 20.03
CA LYS A 466 13.98 -9.74 19.41
C LYS A 466 14.67 -8.56 18.73
N MET A 467 13.93 -7.50 18.39
CA MET A 467 14.54 -6.34 17.77
C MET A 467 15.53 -5.65 18.72
N LYS A 468 15.27 -5.71 20.03
CA LYS A 468 16.15 -5.04 20.98
C LYS A 468 17.51 -5.73 21.08
N ALA A 469 17.52 -7.06 20.98
CA ALA A 469 18.76 -7.83 21.04
C ALA A 469 19.37 -8.09 19.66
N THR A 470 18.75 -7.59 18.60
CA THR A 470 19.26 -7.83 17.25
C THR A 470 20.55 -7.08 17.02
N ILE A 471 21.58 -7.81 16.58
CA ILE A 471 22.90 -7.22 16.35
C ILE A 471 23.00 -6.73 14.90
N ASP A 472 22.93 -7.66 13.96
CA ASP A 472 22.97 -7.37 12.53
C ASP A 472 21.88 -6.37 12.18
N PRO A 473 22.24 -5.15 11.79
CA PRO A 473 21.21 -4.11 11.55
C PRO A 473 20.34 -4.41 10.33
N ILE A 474 20.85 -5.15 9.36
CA ILE A 474 19.99 -5.62 8.27
C ILE A 474 18.85 -6.46 8.83
N GLU A 475 19.14 -7.31 9.81
CA GLU A 475 18.09 -8.04 10.50
C GLU A 475 17.15 -7.09 11.24
N ARG A 476 17.70 -6.04 11.86
CA ARG A 476 16.84 -5.06 12.53
C ARG A 476 15.83 -4.48 11.55
N LYS A 477 16.29 -4.08 10.37
CA LYS A 477 15.37 -3.61 9.33
C LYS A 477 14.35 -4.68 8.96
N LEU A 478 14.82 -5.93 8.84
CA LEU A 478 13.92 -7.03 8.46
C LEU A 478 12.79 -7.19 9.47
N LEU A 479 13.13 -7.33 10.75
CA LEU A 479 12.06 -7.51 11.74
C LEU A 479 11.22 -6.26 11.93
N ASP A 480 11.78 -5.06 11.73
CA ASP A 480 10.96 -3.86 11.78
C ASP A 480 9.90 -3.89 10.68
N TYR A 481 10.31 -4.20 9.45
CA TYR A 481 9.34 -4.31 8.37
C TYR A 481 8.34 -5.42 8.65
N ARG A 482 8.78 -6.54 9.24
CA ARG A 482 7.85 -7.64 9.52
C ARG A 482 6.80 -7.24 10.57
N GLN A 483 7.23 -6.57 11.64
CA GLN A 483 6.25 -6.16 12.65
C GLN A 483 5.31 -5.09 12.10
N ARG A 484 5.80 -4.20 11.23
CA ARG A 484 4.91 -3.27 10.56
C ARG A 484 3.90 -4.00 9.69
N LEU A 485 4.33 -5.06 9.01
CA LEU A 485 3.41 -5.89 8.23
C LEU A 485 2.33 -6.49 9.11
N ILE A 486 2.72 -7.08 10.24
CA ILE A 486 1.74 -7.70 11.12
C ILE A 486 0.75 -6.66 11.64
N LYS A 487 1.24 -5.47 11.96
CA LYS A 487 0.37 -4.41 12.45
C LYS A 487 -0.65 -3.99 11.39
N ILE A 488 -0.18 -3.73 10.17
CA ILE A 488 -1.08 -3.35 9.09
C ILE A 488 -2.07 -4.47 8.79
N LEU A 489 -1.60 -5.71 8.85
CA LEU A 489 -2.47 -6.84 8.54
C LEU A 489 -3.55 -7.01 9.60
N ALA A 490 -3.22 -6.81 10.88
CA ALA A 490 -4.23 -6.93 11.93
C ALA A 490 -5.27 -5.81 11.83
N ASN A 491 -4.80 -4.57 11.62
CA ASN A 491 -5.74 -3.46 11.46
C ASN A 491 -6.64 -3.68 10.25
N SER A 492 -6.07 -4.23 9.17
CA SER A 492 -6.86 -4.49 7.97
C SER A 492 -7.80 -5.69 8.17
N VAL A 493 -7.44 -6.63 9.04
CA VAL A 493 -8.35 -7.71 9.38
C VAL A 493 -9.55 -7.15 10.13
N TYR A 494 -9.33 -6.19 11.03
CA TYR A 494 -10.48 -5.51 11.63
C TYR A 494 -11.33 -4.84 10.55
N GLY A 495 -10.68 -4.03 9.70
CA GLY A 495 -11.42 -3.30 8.68
C GLY A 495 -12.16 -4.22 7.71
N HIS A 496 -11.65 -5.43 7.51
CA HIS A 496 -12.30 -6.40 6.64
C HIS A 496 -13.73 -6.67 7.07
N MET A 497 -13.97 -6.72 8.38
CA MET A 497 -15.31 -7.01 8.88
C MET A 497 -16.32 -5.93 8.54
N GLY A 498 -15.86 -4.73 8.18
CA GLY A 498 -16.76 -3.66 7.81
C GLY A 498 -16.66 -3.26 6.36
N PHE A 499 -16.12 -4.14 5.52
CA PHE A 499 -15.94 -3.87 4.10
C PHE A 499 -17.03 -4.57 3.30
N GLU A 500 -17.63 -3.83 2.36
CA GLU A 500 -18.83 -4.31 1.67
C GLU A 500 -18.56 -5.60 0.91
N ASN A 501 -17.46 -5.65 0.15
CA ASN A 501 -17.15 -6.81 -0.66
C ASN A 501 -16.26 -7.82 0.06
N ALA A 502 -16.24 -7.80 1.39
CA ALA A 502 -15.42 -8.72 2.15
C ALA A 502 -16.16 -10.01 2.43
N ARG A 503 -15.43 -11.13 2.41
CA ARG A 503 -16.03 -12.43 2.66
C ARG A 503 -16.51 -12.55 4.10
N TRP A 504 -15.64 -12.29 5.06
CA TRP A 504 -16.00 -12.33 6.48
C TRP A 504 -16.54 -11.00 6.96
N TYR A 505 -17.53 -10.48 6.23
CA TYR A 505 -18.13 -9.21 6.58
C TYR A 505 -19.03 -9.37 7.81
N CYS A 506 -19.00 -8.36 8.68
CA CYS A 506 -19.84 -8.37 9.88
C CYS A 506 -19.88 -6.92 10.41
N LYS A 507 -20.90 -6.17 9.98
CA LYS A 507 -21.04 -4.79 10.43
C LYS A 507 -21.27 -4.73 11.94
N GLU A 508 -22.04 -5.68 12.48
CA GLU A 508 -22.25 -5.73 13.92
C GLU A 508 -20.94 -5.88 14.67
N CYS A 509 -20.05 -6.75 14.18
CA CYS A 509 -18.75 -6.93 14.83
C CYS A 509 -17.95 -5.65 14.84
N ALA A 510 -17.89 -4.95 13.69
CA ALA A 510 -17.06 -3.76 13.58
C ALA A 510 -17.62 -2.63 14.47
N GLU A 511 -18.92 -2.41 14.44
CA GLU A 511 -19.50 -1.36 15.27
C GLU A 511 -19.41 -1.71 16.75
N SER A 512 -19.48 -2.99 17.10
CA SER A 512 -19.22 -3.40 18.48
C SER A 512 -17.80 -3.04 18.89
N VAL A 513 -16.83 -3.36 18.04
CA VAL A 513 -15.43 -3.07 18.34
C VAL A 513 -15.25 -1.56 18.57
N THR A 514 -15.81 -0.74 17.69
CA THR A 514 -15.61 0.70 17.81
C THR A 514 -16.33 1.26 19.04
N ALA A 515 -17.50 0.70 19.40
CA ALA A 515 -18.16 1.14 20.62
C ALA A 515 -17.35 0.77 21.86
N TRP A 516 -16.79 -0.44 21.88
CA TRP A 516 -15.88 -0.83 22.95
C TRP A 516 -14.74 0.18 23.07
N GLY A 517 -14.11 0.51 21.94
CA GLY A 517 -13.00 1.45 21.97
C GLY A 517 -13.38 2.81 22.53
N ARG A 518 -14.51 3.34 22.07
CA ARG A 518 -15.01 4.60 22.60
C ARG A 518 -15.20 4.53 24.11
N GLU A 519 -15.87 3.47 24.58
CA GLU A 519 -16.14 3.32 26.02
C GLU A 519 -14.84 3.28 26.81
N TYR A 520 -13.89 2.46 26.37
CA TYR A 520 -12.64 2.30 27.12
C TYR A 520 -11.85 3.60 27.17
N LEU A 521 -11.76 4.31 26.04
CA LEU A 521 -10.98 5.54 26.01
C LEU A 521 -11.62 6.63 26.87
N THR A 522 -12.94 6.81 26.75
CA THR A 522 -13.61 7.80 27.58
C THR A 522 -13.53 7.44 29.06
N MET A 523 -13.58 6.14 29.37
CA MET A 523 -13.41 5.70 30.75
C MET A 523 -12.03 6.07 31.28
N THR A 524 -10.98 5.78 30.52
CA THR A 524 -9.64 6.11 30.95
C THR A 524 -9.47 7.61 31.14
N ILE A 525 -10.06 8.41 30.25
CA ILE A 525 -9.99 9.86 30.38
C ILE A 525 -10.68 10.32 31.67
N LYS A 526 -11.90 9.83 31.89
CA LYS A 526 -12.63 10.21 33.11
C LYS A 526 -11.85 9.82 34.35
N GLU A 527 -11.22 8.65 34.35
CA GLU A 527 -10.49 8.21 35.54
C GLU A 527 -9.22 9.01 35.76
N ILE A 528 -8.48 9.30 34.68
CA ILE A 528 -7.25 10.07 34.85
C ILE A 528 -7.56 11.50 35.27
N GLU A 529 -8.75 12.01 34.93
CA GLU A 529 -9.07 13.38 35.33
C GLU A 529 -9.63 13.44 36.74
N GLU A 530 -10.62 12.61 37.05
CA GLU A 530 -11.31 12.73 38.34
C GLU A 530 -10.45 12.25 39.50
N LYS A 531 -9.62 11.22 39.28
CA LYS A 531 -8.92 10.58 40.38
C LYS A 531 -7.43 10.86 40.41
N TYR A 532 -6.86 11.48 39.38
CA TYR A 532 -5.45 11.84 39.40
C TYR A 532 -5.19 13.29 39.03
N GLY A 533 -6.24 14.10 38.86
CA GLY A 533 -6.07 15.52 38.63
C GLY A 533 -5.45 15.89 37.30
N PHE A 534 -5.51 15.01 36.31
CA PHE A 534 -4.99 15.33 34.99
C PHE A 534 -6.00 16.16 34.21
N LYS A 535 -5.51 16.82 33.17
CA LYS A 535 -6.36 17.51 32.20
C LYS A 535 -6.00 16.99 30.81
N VAL A 536 -6.99 16.42 30.12
CA VAL A 536 -6.77 15.88 28.79
C VAL A 536 -6.78 17.03 27.79
N ILE A 537 -5.64 17.26 27.14
CA ILE A 537 -5.55 18.32 26.13
C ILE A 537 -6.21 17.88 24.84
N TYR A 538 -5.83 16.69 24.35
CA TYR A 538 -6.31 16.18 23.07
C TYR A 538 -6.42 14.67 23.18
N SER A 539 -7.32 14.08 22.39
CA SER A 539 -7.54 12.65 22.44
C SER A 539 -8.09 12.18 21.11
N ASP A 540 -7.35 11.31 20.43
CA ASP A 540 -7.86 10.70 19.20
C ASP A 540 -8.56 9.39 19.55
N THR A 541 -8.28 8.32 18.81
CA THR A 541 -9.12 7.13 18.91
C THR A 541 -8.62 6.10 19.93
N ASP A 542 -7.32 6.08 20.21
CA ASP A 542 -6.75 5.04 21.07
C ASP A 542 -5.83 5.60 22.14
N GLY A 543 -5.79 6.92 22.31
CA GLY A 543 -4.91 7.50 23.30
C GLY A 543 -5.23 8.97 23.49
N PHE A 544 -4.46 9.60 24.37
CA PHE A 544 -4.67 11.01 24.67
C PHE A 544 -3.39 11.62 25.21
N PHE A 545 -3.30 12.95 25.08
CA PHE A 545 -2.27 13.76 25.70
C PHE A 545 -2.85 14.40 26.95
N ALA A 546 -2.09 14.37 28.05
CA ALA A 546 -2.55 14.91 29.32
C ALA A 546 -1.38 15.57 30.04
N THR A 547 -1.73 16.34 31.07
CA THR A 547 -0.72 17.02 31.88
C THR A 547 -1.36 17.40 33.21
N ILE A 548 -0.49 17.67 34.19
CA ILE A 548 -0.91 18.26 35.47
C ILE A 548 -0.82 19.77 35.33
N PRO A 549 -1.93 20.50 35.35
CA PRO A 549 -1.88 21.96 35.22
C PRO A 549 -0.97 22.59 36.26
N GLY A 550 0.22 23.01 35.84
CA GLY A 550 1.18 23.62 36.74
C GLY A 550 1.89 22.61 37.63
N ALA A 551 2.85 21.89 37.07
CA ALA A 551 3.60 20.90 37.85
C ALA A 551 4.91 20.60 37.14
N ASP A 552 5.87 20.09 37.92
CA ASP A 552 7.13 19.64 37.37
C ASP A 552 6.91 18.48 36.41
N ALA A 553 7.84 18.33 35.47
CA ALA A 553 7.78 17.21 34.53
C ALA A 553 7.85 15.87 35.28
N GLU A 554 8.71 15.79 36.29
CA GLU A 554 8.83 14.54 37.05
C GLU A 554 7.53 14.21 37.77
N THR A 555 6.82 15.23 38.26
CA THR A 555 5.55 14.99 38.93
C THR A 555 4.51 14.41 37.95
N VAL A 556 4.42 14.99 36.76
CA VAL A 556 3.51 14.48 35.74
C VAL A 556 3.86 13.04 35.40
N LYS A 557 5.16 12.75 35.21
CA LYS A 557 5.58 11.40 34.86
C LYS A 557 5.23 10.41 35.97
N LYS A 558 5.49 10.77 37.22
CA LYS A 558 5.23 9.89 38.34
C LYS A 558 3.75 9.60 38.48
N LYS A 559 2.92 10.64 38.39
CA LYS A 559 1.49 10.45 38.50
C LYS A 559 0.94 9.65 37.32
N ALA A 560 1.52 9.83 36.14
CA ALA A 560 1.10 9.01 34.99
C ALA A 560 1.45 7.54 35.20
N MET A 561 2.61 7.26 35.80
CA MET A 561 2.97 5.89 36.12
C MET A 561 1.96 5.28 37.11
N GLU A 562 1.63 6.03 38.15
CA GLU A 562 0.61 5.58 39.09
C GLU A 562 -0.70 5.26 38.38
N PHE A 563 -1.19 6.22 37.58
CA PHE A 563 -2.46 6.00 36.88
C PHE A 563 -2.39 4.80 35.95
N LEU A 564 -1.22 4.57 35.34
CA LEU A 564 -1.08 3.41 34.46
C LEU A 564 -1.24 2.11 35.24
N LYS A 565 -0.53 1.99 36.37
CA LYS A 565 -0.67 0.79 37.19
C LYS A 565 -2.13 0.59 37.60
N TYR A 566 -2.77 1.66 38.06
CA TYR A 566 -4.15 1.57 38.54
C TYR A 566 -5.11 1.16 37.42
N ILE A 567 -5.08 1.88 36.29
CA ILE A 567 -6.03 1.64 35.22
C ILE A 567 -5.76 0.31 34.53
N ASN A 568 -4.51 -0.15 34.52
CA ASN A 568 -4.22 -1.45 33.92
C ASN A 568 -4.64 -2.59 34.84
N ALA A 569 -4.58 -2.37 36.15
CA ALA A 569 -5.24 -3.30 37.06
C ALA A 569 -6.75 -3.34 36.79
N LYS A 570 -7.33 -2.18 36.49
CA LYS A 570 -8.76 -2.11 36.23
C LYS A 570 -9.14 -2.56 34.81
N LEU A 571 -8.17 -2.68 33.90
CA LEU A 571 -8.52 -2.98 32.52
C LEU A 571 -8.53 -4.50 32.29
N PRO A 572 -9.50 -5.00 31.52
CA PRO A 572 -9.64 -6.45 31.35
C PRO A 572 -8.94 -7.01 30.12
N GLY A 573 -8.52 -8.27 30.23
CA GLY A 573 -8.02 -9.01 29.09
C GLY A 573 -6.78 -8.39 28.48
N ALA A 574 -6.73 -8.39 27.15
CA ALA A 574 -5.60 -7.88 26.39
C ALA A 574 -5.58 -6.36 26.30
N LEU A 575 -6.47 -5.67 27.00
CA LEU A 575 -6.52 -4.21 26.94
C LEU A 575 -5.52 -3.64 27.93
N GLU A 576 -4.62 -2.79 27.43
CA GLU A 576 -3.52 -2.28 28.23
C GLU A 576 -3.22 -0.85 27.78
N LEU A 577 -3.08 0.05 28.76
CA LEU A 577 -2.65 1.41 28.51
C LEU A 577 -1.15 1.50 28.64
N GLU A 578 -0.50 2.23 27.74
CA GLU A 578 0.95 2.34 27.71
C GLU A 578 1.37 3.80 27.69
N TYR A 579 2.48 4.07 28.40
CA TYR A 579 3.17 5.35 28.39
C TYR A 579 4.08 5.38 27.16
N GLU A 580 3.71 6.17 26.16
CA GLU A 580 4.47 6.20 24.92
C GLU A 580 4.99 7.60 24.62
N GLY A 581 5.73 8.17 25.56
CA GLY A 581 6.41 9.43 25.29
C GLY A 581 6.02 10.55 26.23
N PHE A 582 7.03 11.25 26.72
CA PHE A 582 6.87 12.54 27.38
C PHE A 582 7.38 13.62 26.44
N TYR A 583 6.71 14.77 26.47
CA TYR A 583 7.07 15.87 25.58
C TYR A 583 7.16 17.16 26.39
N LYS A 584 8.30 17.85 26.26
CA LYS A 584 8.50 19.10 26.97
C LYS A 584 7.37 20.07 26.66
N ARG A 585 7.06 20.27 25.38
CA ARG A 585 6.01 21.22 25.01
C ARG A 585 5.21 20.67 23.83
N GLY A 586 4.07 21.32 23.57
CA GLY A 586 3.19 20.87 22.51
C GLY A 586 2.14 21.88 22.11
N PHE A 587 2.03 22.16 20.81
CA PHE A 587 1.05 23.07 20.27
C PHE A 587 -0.01 22.28 19.52
N PHE A 588 -1.26 22.39 19.96
CA PHE A 588 -2.38 21.69 19.36
C PHE A 588 -3.26 22.70 18.65
N VAL A 589 -3.34 22.60 17.32
CA VAL A 589 -4.14 23.56 16.55
C VAL A 589 -5.59 23.14 16.51
N THR A 590 -5.85 21.89 16.14
CA THR A 590 -7.21 21.39 15.95
C THR A 590 -7.13 19.88 15.87
N LYS A 591 -8.30 19.23 15.75
CA LYS A 591 -8.36 17.79 15.63
C LYS A 591 -7.48 17.32 14.48
N LYS A 592 -6.67 16.29 14.76
CA LYS A 592 -5.73 15.69 13.81
C LYS A 592 -4.62 16.66 13.40
N LYS A 593 -4.41 17.75 14.14
CA LYS A 593 -3.39 18.74 13.76
C LYS A 593 -2.70 19.27 15.01
N TYR A 594 -1.45 18.84 15.21
CA TYR A 594 -0.68 19.28 16.37
C TYR A 594 0.80 19.05 16.11
N ALA A 595 1.61 19.45 17.08
CA ALA A 595 3.05 19.27 17.03
C ALA A 595 3.57 19.24 18.46
N VAL A 596 4.55 18.37 18.72
CA VAL A 596 5.10 18.19 20.06
C VAL A 596 6.62 18.20 19.99
N ILE A 597 7.23 18.59 21.11
CA ILE A 597 8.68 18.58 21.27
C ILE A 597 9.00 17.87 22.58
N ASP A 598 9.90 16.88 22.50
CA ASP A 598 10.28 16.06 23.63
C ASP A 598 11.48 16.70 24.35
N GLU A 599 12.28 15.88 25.04
CA GLU A 599 13.35 16.43 25.86
C GLU A 599 14.61 16.72 25.05
N GLU A 600 14.94 15.83 24.10
CA GLU A 600 16.18 15.98 23.34
C GLU A 600 16.07 16.98 22.21
N GLY A 601 14.87 17.44 21.87
CA GLY A 601 14.70 18.42 20.82
C GLY A 601 14.18 17.88 19.51
N LYS A 602 13.53 16.73 19.50
CA LYS A 602 12.94 16.17 18.29
C LYS A 602 11.49 16.64 18.18
N ILE A 603 11.14 17.21 17.02
CA ILE A 603 9.81 17.76 16.79
C ILE A 603 9.01 16.73 16.02
N THR A 604 7.83 16.37 16.55
CA THR A 604 6.90 15.48 15.88
C THR A 604 5.69 16.29 15.45
N THR A 605 5.39 16.29 14.15
CA THR A 605 4.29 17.06 13.60
C THR A 605 3.25 16.12 13.00
N ARG A 606 1.98 16.37 13.32
CA ARG A 606 0.88 15.54 12.88
C ARG A 606 -0.18 16.39 12.22
N GLY A 607 -0.52 16.06 10.98
CA GLY A 607 -1.65 16.66 10.29
C GLY A 607 -1.40 18.03 9.71
N LEU A 608 -0.41 18.73 10.25
CA LEU A 608 -0.14 20.09 9.81
C LEU A 608 0.33 20.11 8.36
N GLU A 609 0.28 21.30 7.76
CA GLU A 609 0.61 21.46 6.35
C GLU A 609 2.05 21.08 6.04
N ILE A 610 2.91 21.02 7.06
CA ILE A 610 4.30 20.66 6.86
C ILE A 610 4.44 19.24 6.32
N VAL A 611 3.51 18.35 6.70
CA VAL A 611 3.57 16.95 6.30
C VAL A 611 2.70 16.64 5.08
N ARG A 612 2.01 17.63 4.54
CA ARG A 612 1.07 17.42 3.45
C ARG A 612 1.74 17.70 2.11
N ARG A 613 1.48 16.85 1.12
CA ARG A 613 2.07 17.01 -0.20
C ARG A 613 1.43 18.14 -1.00
N ASP A 614 0.13 18.37 -0.80
CA ASP A 614 -0.61 19.36 -1.59
C ASP A 614 -0.35 20.80 -1.15
N TRP A 615 0.71 21.06 -0.41
CA TRP A 615 1.06 22.42 0.02
C TRP A 615 2.43 22.78 -0.52
N SER A 616 2.65 24.07 -0.72
CA SER A 616 3.90 24.52 -1.32
C SER A 616 5.06 24.40 -0.34
N GLU A 617 6.26 24.22 -0.88
CA GLU A 617 7.45 24.03 -0.05
C GLU A 617 7.76 25.28 0.77
N ILE A 618 7.49 26.46 0.23
CA ILE A 618 7.74 27.69 0.99
C ILE A 618 6.85 27.73 2.22
N ALA A 619 5.59 27.32 2.08
CA ALA A 619 4.68 27.30 3.22
C ALA A 619 5.11 26.26 4.26
N LYS A 620 5.46 25.05 3.80
CA LYS A 620 5.94 24.03 4.71
C LYS A 620 7.15 24.52 5.49
N GLU A 621 8.14 25.07 4.79
CA GLU A 621 9.37 25.50 5.44
C GLU A 621 9.12 26.65 6.40
N THR A 622 8.26 27.60 6.04
CA THR A 622 7.96 28.70 6.93
C THR A 622 7.25 28.20 8.19
N GLN A 623 6.25 27.34 8.02
CA GLN A 623 5.55 26.78 9.18
C GLN A 623 6.50 25.98 10.06
N ALA A 624 7.43 25.24 9.44
CA ALA A 624 8.38 24.45 10.20
C ALA A 624 9.29 25.32 11.03
N ARG A 625 9.84 26.38 10.43
CA ARG A 625 10.73 27.27 11.18
C ARG A 625 9.96 28.01 12.28
N VAL A 626 8.70 28.37 12.01
CA VAL A 626 7.88 29.03 13.03
C VAL A 626 7.65 28.08 14.20
N LEU A 627 7.26 26.83 13.90
CA LEU A 627 7.03 25.85 14.95
C LEU A 627 8.32 25.57 15.73
N GLU A 628 9.46 25.59 15.06
CA GLU A 628 10.72 25.40 15.77
C GLU A 628 11.01 26.56 16.71
N ALA A 629 10.80 27.79 16.24
CA ALA A 629 10.98 28.95 17.11
C ALA A 629 10.03 28.90 18.31
N LEU A 630 8.85 28.31 18.12
CA LEU A 630 7.90 28.19 19.23
C LEU A 630 8.29 27.08 20.20
N LEU A 631 8.74 25.94 19.70
CA LEU A 631 8.91 24.75 20.51
C LEU A 631 10.31 24.61 21.10
N LYS A 632 11.32 25.26 20.53
CA LYS A 632 12.68 25.13 21.02
C LYS A 632 13.00 26.12 22.14
N ASP A 633 12.41 27.31 22.10
CA ASP A 633 12.68 28.31 23.13
C ASP A 633 11.52 29.27 23.36
N GLY A 634 10.37 29.10 22.71
CA GLY A 634 9.26 30.01 22.91
C GLY A 634 9.52 31.41 22.42
N ASP A 635 10.17 31.55 21.27
CA ASP A 635 10.51 32.86 20.71
C ASP A 635 9.45 33.25 19.70
N VAL A 636 8.34 33.79 20.21
CA VAL A 636 7.23 34.19 19.34
C VAL A 636 7.66 35.30 18.39
N GLU A 637 8.48 36.24 18.88
CA GLU A 637 8.98 37.31 18.05
C GLU A 637 9.81 36.76 16.89
N LYS A 638 10.63 35.74 17.15
CA LYS A 638 11.43 35.17 16.06
C LYS A 638 10.52 34.61 14.97
N ALA A 639 9.42 33.97 15.36
CA ALA A 639 8.48 33.45 14.38
C ALA A 639 7.79 34.57 13.58
N VAL A 640 7.37 35.64 14.27
CA VAL A 640 6.72 36.73 13.56
C VAL A 640 7.69 37.38 12.58
N ARG A 641 8.96 37.48 12.97
CA ARG A 641 9.96 37.99 12.03
C ARG A 641 10.17 37.03 10.86
N ILE A 642 10.15 35.72 11.13
CA ILE A 642 10.31 34.74 10.04
C ILE A 642 9.21 34.92 9.02
N VAL A 643 7.96 35.04 9.47
CA VAL A 643 6.86 35.16 8.50
C VAL A 643 6.93 36.50 7.76
N LYS A 644 7.31 37.58 8.46
CA LYS A 644 7.46 38.86 7.75
C LYS A 644 8.57 38.81 6.71
N GLU A 645 9.71 38.20 7.04
CA GLU A 645 10.81 38.11 6.09
C GLU A 645 10.43 37.24 4.90
N VAL A 646 9.75 36.11 5.15
CA VAL A 646 9.36 35.24 4.05
C VAL A 646 8.33 35.92 3.15
N THR A 647 7.41 36.68 3.74
CA THR A 647 6.41 37.36 2.92
C THR A 647 7.04 38.50 2.11
N GLU A 648 8.07 39.17 2.66
CA GLU A 648 8.77 40.17 1.86
C GLU A 648 9.56 39.52 0.73
N LYS A 649 10.19 38.38 1.00
CA LYS A 649 10.88 37.63 -0.05
C LYS A 649 9.92 37.24 -1.16
N LEU A 650 8.72 36.79 -0.80
CA LEU A 650 7.72 36.44 -1.80
C LEU A 650 7.29 37.66 -2.61
N SER A 651 7.06 38.79 -1.93
CA SER A 651 6.56 39.97 -2.62
C SER A 651 7.55 40.48 -3.65
N LYS A 652 8.85 40.42 -3.35
CA LYS A 652 9.88 40.87 -4.27
C LYS A 652 10.30 39.82 -5.27
N TYR A 653 9.54 38.72 -5.39
CA TYR A 653 9.85 37.64 -6.32
C TYR A 653 11.28 37.13 -6.12
N GLU A 654 11.63 36.90 -4.86
CA GLU A 654 12.99 36.54 -4.48
C GLU A 654 13.13 35.07 -4.09
N VAL A 655 12.04 34.31 -4.08
CA VAL A 655 12.08 32.92 -3.65
C VAL A 655 12.10 32.02 -4.87
N PRO A 656 12.95 30.98 -4.88
CA PRO A 656 13.01 30.08 -6.04
C PRO A 656 11.68 29.42 -6.31
N PRO A 657 11.24 29.37 -7.57
CA PRO A 657 9.94 28.75 -7.87
C PRO A 657 9.88 27.26 -7.57
N GLU A 658 11.04 26.61 -7.38
CA GLU A 658 11.02 25.19 -7.04
C GLU A 658 10.36 24.97 -5.69
N LYS A 659 10.54 25.91 -4.76
CA LYS A 659 9.85 25.86 -3.47
C LYS A 659 8.40 26.29 -3.56
N LEU A 660 7.86 26.48 -4.76
CA LEU A 660 6.53 27.05 -4.95
C LEU A 660 5.57 26.09 -5.62
N VAL A 661 5.99 24.84 -5.85
CA VAL A 661 5.22 23.88 -6.61
C VAL A 661 4.23 23.18 -5.70
N ILE A 662 3.00 23.01 -6.17
CA ILE A 662 1.97 22.26 -5.49
C ILE A 662 1.79 20.92 -6.21
N HIS A 663 1.91 19.83 -5.46
CA HIS A 663 1.74 18.49 -5.99
C HIS A 663 0.38 17.95 -5.53
N LYS A 664 -0.48 17.61 -6.50
CA LYS A 664 -1.79 17.03 -6.20
C LYS A 664 -2.02 15.86 -7.14
N GLN A 665 -2.68 14.82 -6.64
CA GLN A 665 -2.84 13.58 -7.38
C GLN A 665 -4.27 13.46 -7.91
N ILE A 666 -4.39 13.06 -9.17
CA ILE A 666 -5.68 12.73 -9.76
C ILE A 666 -6.01 11.28 -9.45
N THR A 667 -7.23 11.04 -8.97
CA THR A 667 -7.62 9.73 -8.48
C THR A 667 -8.59 9.00 -9.39
N ARG A 668 -9.11 9.65 -10.43
CA ARG A 668 -10.11 9.04 -11.30
C ARG A 668 -9.80 9.43 -12.74
N ASP A 669 -10.63 8.94 -13.65
CA ASP A 669 -10.58 9.38 -15.04
C ASP A 669 -11.12 10.81 -15.14
N LEU A 670 -10.44 11.64 -15.94
CA LEU A 670 -10.81 13.05 -16.04
C LEU A 670 -12.26 13.22 -16.48
N LYS A 671 -12.81 12.25 -17.20
CA LYS A 671 -14.21 12.34 -17.62
C LYS A 671 -15.15 12.33 -16.41
N ASP A 672 -14.82 11.54 -15.39
CA ASP A 672 -15.69 11.35 -14.23
C ASP A 672 -15.49 12.42 -13.16
N TYR A 673 -14.70 13.46 -13.44
CA TYR A 673 -14.51 14.53 -12.48
C TYR A 673 -15.64 15.55 -12.61
N LYS A 674 -16.39 15.74 -11.53
CA LYS A 674 -17.48 16.72 -11.54
C LYS A 674 -16.96 18.12 -11.23
N ALA A 675 -16.23 18.26 -10.13
CA ALA A 675 -15.60 19.53 -9.76
C ALA A 675 -14.15 19.52 -10.24
N THR A 676 -13.80 20.50 -11.07
CA THR A 676 -12.48 20.56 -11.69
C THR A 676 -11.64 21.60 -10.95
N GLY A 677 -10.73 21.12 -10.11
CA GLY A 677 -9.81 21.98 -9.40
C GLY A 677 -8.63 22.38 -10.26
N PRO A 678 -7.66 23.08 -9.64
CA PRO A 678 -6.49 23.54 -10.42
C PRO A 678 -5.68 22.40 -11.02
N HIS A 679 -5.33 21.39 -10.20
CA HIS A 679 -4.64 20.23 -10.75
C HIS A 679 -5.50 19.53 -11.80
N VAL A 680 -6.82 19.51 -11.61
CA VAL A 680 -7.72 18.97 -12.62
C VAL A 680 -7.63 19.75 -13.92
N ALA A 681 -7.60 21.08 -13.82
CA ALA A 681 -7.53 21.91 -15.03
C ALA A 681 -6.22 21.68 -15.77
N VAL A 682 -5.11 21.60 -15.03
CA VAL A 682 -3.83 21.32 -15.66
C VAL A 682 -3.85 19.94 -16.33
N ALA A 683 -4.42 18.95 -15.65
CA ALA A 683 -4.50 17.61 -16.21
C ALA A 683 -5.35 17.58 -17.48
N LYS A 684 -6.44 18.35 -17.48
CA LYS A 684 -7.32 18.36 -18.65
C LYS A 684 -6.65 19.06 -19.84
N ARG A 685 -5.92 20.15 -19.59
CA ARG A 685 -5.16 20.76 -20.67
C ARG A 685 -4.08 19.82 -21.19
N LEU A 686 -3.40 19.11 -20.28
CA LEU A 686 -2.38 18.15 -20.71
C LEU A 686 -2.98 17.04 -21.55
N ALA A 687 -4.14 16.52 -21.15
CA ALA A 687 -4.80 15.49 -21.95
C ALA A 687 -5.24 16.05 -23.29
N ALA A 688 -5.66 17.32 -23.32
CA ALA A 688 -5.98 17.96 -24.59
C ALA A 688 -4.74 18.07 -25.48
N ARG A 689 -3.55 18.12 -24.89
CA ARG A 689 -2.31 18.09 -25.66
C ARG A 689 -1.84 16.68 -25.99
N GLY A 690 -2.65 15.66 -25.70
CA GLY A 690 -2.25 14.30 -26.02
C GLY A 690 -1.19 13.74 -25.09
N VAL A 691 -1.32 13.97 -23.79
CA VAL A 691 -0.40 13.45 -22.79
C VAL A 691 -1.12 12.40 -21.97
N LYS A 692 -0.44 11.29 -21.70
CA LYS A 692 -1.05 10.19 -20.95
C LYS A 692 -1.34 10.64 -19.53
N ILE A 693 -2.61 10.57 -19.14
CA ILE A 693 -3.06 10.96 -17.81
C ILE A 693 -4.00 9.87 -17.30
N ARG A 694 -3.66 9.29 -16.16
CA ARG A 694 -4.36 8.13 -15.63
C ARG A 694 -4.48 8.27 -14.13
N PRO A 695 -5.45 7.57 -13.50
CA PRO A 695 -5.55 7.59 -12.03
C PRO A 695 -4.26 7.13 -11.36
N GLY A 696 -3.52 8.09 -10.80
CA GLY A 696 -2.28 7.78 -10.12
C GLY A 696 -1.20 8.81 -10.32
N THR A 697 -1.20 9.45 -11.49
CA THR A 697 -0.17 10.44 -11.79
C THR A 697 -0.34 11.68 -10.90
N VAL A 698 0.77 12.35 -10.63
CA VAL A 698 0.82 13.50 -9.75
C VAL A 698 1.09 14.74 -10.59
N ILE A 699 0.15 15.69 -10.55
CA ILE A 699 0.31 16.97 -11.21
C ILE A 699 1.06 17.92 -10.28
N SER A 700 2.14 18.50 -10.77
CA SER A 700 2.94 19.47 -10.02
C SER A 700 2.86 20.79 -10.76
N TYR A 701 2.18 21.77 -10.16
CA TYR A 701 1.89 23.02 -10.86
C TYR A 701 2.33 24.22 -10.05
N ILE A 702 2.40 25.36 -10.74
CA ILE A 702 2.63 26.68 -10.15
C ILE A 702 1.51 27.60 -10.59
N VAL A 703 1.04 28.43 -9.66
CA VAL A 703 0.05 29.46 -9.94
C VAL A 703 0.79 30.72 -10.39
N LEU A 704 0.36 31.28 -11.51
CA LEU A 704 0.99 32.45 -12.11
C LEU A 704 0.13 33.68 -11.88
N LYS A 705 0.77 34.85 -11.96
CA LYS A 705 0.06 36.12 -11.87
C LYS A 705 -0.96 36.21 -13.00
N GLY A 706 -2.23 36.39 -12.65
CA GLY A 706 -3.24 36.44 -13.70
C GLY A 706 -4.69 36.66 -13.27
N SER A 707 -5.59 36.00 -13.98
CA SER A 707 -7.01 36.34 -14.01
C SER A 707 -7.80 35.35 -13.15
N GLY A 708 -7.96 35.69 -11.87
CA GLY A 708 -8.91 35.01 -11.01
C GLY A 708 -8.66 33.53 -10.89
N ARG A 709 -9.63 32.74 -11.38
CA ARG A 709 -9.67 31.28 -11.31
C ARG A 709 -8.28 30.67 -11.31
N ILE A 710 -7.87 30.10 -10.17
CA ILE A 710 -6.49 29.64 -10.01
C ILE A 710 -6.13 28.63 -11.08
N GLY A 711 -7.05 27.70 -11.38
CA GLY A 711 -6.82 26.72 -12.42
C GLY A 711 -6.57 27.32 -13.79
N ASP A 712 -7.03 28.55 -14.02
CA ASP A 712 -6.75 29.22 -15.29
C ASP A 712 -5.33 29.72 -15.38
N ARG A 713 -4.70 30.07 -14.24
CA ARG A 713 -3.37 30.64 -14.23
C ARG A 713 -2.32 29.68 -13.70
N ALA A 714 -2.62 28.38 -13.64
CA ALA A 714 -1.71 27.37 -13.13
C ALA A 714 -1.16 26.55 -14.29
N ILE A 715 0.15 26.35 -14.30
CA ILE A 715 0.79 25.53 -15.34
C ILE A 715 1.71 24.51 -14.67
N PRO A 716 1.98 23.37 -15.32
CA PRO A 716 2.95 22.43 -14.77
C PRO A 716 4.32 23.09 -14.63
N PHE A 717 5.05 22.68 -13.60
CA PHE A 717 6.32 23.34 -13.29
C PHE A 717 7.38 23.11 -14.34
N ASP A 718 7.29 22.02 -15.11
CA ASP A 718 8.27 21.79 -16.18
C ASP A 718 8.16 22.83 -17.28
N GLU A 719 6.98 23.42 -17.47
CA GLU A 719 6.75 24.44 -18.48
C GLU A 719 7.02 25.85 -17.97
N PHE A 720 7.55 25.99 -16.75
CA PHE A 720 7.81 27.30 -16.18
C PHE A 720 9.12 27.85 -16.73
N ASP A 721 9.04 28.95 -17.47
CA ASP A 721 10.21 29.65 -17.97
C ASP A 721 10.35 30.97 -17.22
N PRO A 722 11.36 31.12 -16.37
CA PRO A 722 11.50 32.39 -15.61
C PRO A 722 11.51 33.62 -16.48
N THR A 723 11.96 33.51 -17.73
CA THR A 723 12.05 34.68 -18.60
C THR A 723 10.66 35.25 -18.89
N LYS A 724 9.69 34.39 -19.18
CA LYS A 724 8.36 34.84 -19.58
C LYS A 724 7.28 34.41 -18.58
N HIS A 725 7.65 34.11 -17.34
CA HIS A 725 6.67 33.68 -16.35
C HIS A 725 6.98 34.31 -15.01
N ARG A 726 5.91 34.66 -14.28
CA ARG A 726 6.02 35.26 -12.96
C ARG A 726 4.94 34.65 -12.07
N TYR A 727 5.36 33.96 -11.01
CA TYR A 727 4.38 33.32 -10.15
C TYR A 727 3.56 34.36 -9.40
N ASP A 728 2.35 33.96 -9.00
CA ASP A 728 1.45 34.85 -8.29
C ASP A 728 1.90 34.93 -6.84
N ALA A 729 2.75 35.93 -6.56
CA ALA A 729 3.23 36.12 -5.20
C ALA A 729 2.09 36.38 -4.23
N GLU A 730 1.09 37.14 -4.68
CA GLU A 730 -0.06 37.41 -3.81
C GLU A 730 -0.81 36.13 -3.45
N TYR A 731 -0.89 35.18 -4.39
CA TYR A 731 -1.56 33.93 -4.08
C TYR A 731 -0.83 33.16 -2.99
N TYR A 732 0.48 32.97 -3.15
CA TYR A 732 1.25 32.20 -2.19
C TYR A 732 1.51 32.96 -0.89
N ILE A 733 1.25 34.27 -0.85
CA ILE A 733 1.34 35.03 0.38
C ILE A 733 0.00 34.92 1.12
N GLU A 734 -1.05 35.50 0.53
CA GLU A 734 -2.34 35.60 1.19
C GLU A 734 -3.05 34.26 1.30
N LYS A 735 -2.56 33.20 0.64
CA LYS A 735 -3.34 31.97 0.60
C LYS A 735 -2.50 30.70 0.65
N GLN A 736 -1.24 30.77 1.07
CA GLN A 736 -0.43 29.57 1.23
C GLN A 736 0.42 29.66 2.49
N VAL A 737 1.22 30.71 2.61
CA VAL A 737 2.07 30.86 3.79
C VAL A 737 1.30 31.46 4.95
N LEU A 738 0.62 32.58 4.70
CA LEU A 738 -0.10 33.27 5.77
C LEU A 738 -1.18 32.41 6.41
N PRO A 739 -2.05 31.71 5.67
CA PRO A 739 -3.01 30.83 6.34
C PRO A 739 -2.36 29.70 7.11
N ALA A 740 -1.20 29.22 6.65
CA ALA A 740 -0.52 28.13 7.34
C ALA A 740 0.05 28.59 8.68
N VAL A 741 0.60 29.80 8.72
CA VAL A 741 1.18 30.28 9.98
C VAL A 741 0.14 30.98 10.87
N GLU A 742 -1.00 31.38 10.33
CA GLU A 742 -1.98 32.13 11.11
C GLU A 742 -2.69 31.24 12.11
N ARG A 743 -3.06 30.01 11.70
CA ARG A 743 -3.71 29.09 12.61
C ARG A 743 -2.86 28.79 13.84
N ILE A 744 -1.54 29.00 13.74
CA ILE A 744 -0.65 28.80 14.87
C ILE A 744 -0.46 30.09 15.66
N LEU A 745 -0.11 31.18 14.96
CA LEU A 745 0.24 32.42 15.64
C LEU A 745 -0.95 33.21 16.14
N ARG A 746 -2.18 32.76 15.85
CA ARG A 746 -3.35 33.42 16.43
C ARG A 746 -3.42 33.20 17.93
N ALA A 747 -2.87 32.08 18.42
CA ALA A 747 -2.84 31.78 19.86
C ALA A 747 -2.00 32.76 20.65
N PHE A 748 -1.32 33.72 20.01
CA PHE A 748 -0.51 34.73 20.69
C PHE A 748 -1.00 36.14 20.38
N GLY A 749 -2.16 36.27 19.74
CA GLY A 749 -2.77 37.55 19.47
C GLY A 749 -2.48 38.15 18.12
N TYR A 750 -1.69 37.48 17.27
CA TYR A 750 -1.33 38.04 15.97
C TYR A 750 -2.41 37.72 14.95
N ARG A 751 -2.94 38.75 14.30
CA ARG A 751 -3.80 38.57 13.15
C ARG A 751 -2.94 38.48 11.90
N LYS A 752 -3.60 38.29 10.74
CA LYS A 752 -2.85 38.17 9.49
C LYS A 752 -2.11 39.46 9.17
N GLU A 753 -2.68 40.60 9.53
CA GLU A 753 -2.10 41.87 9.13
C GLU A 753 -0.84 42.19 9.92
N ASP A 754 -0.71 41.63 11.13
CA ASP A 754 0.51 41.76 11.91
C ASP A 754 1.63 40.84 11.42
N LEU A 755 1.44 40.18 10.28
CA LEU A 755 2.40 39.21 9.76
C LEU A 755 2.94 39.53 8.38
N ARG A 756 2.21 40.30 7.56
CA ARG A 756 2.65 40.58 6.21
C ARG A 756 3.71 41.68 6.21
O5' 6HA C 1 -2.24 2.95 -2.14
C5' 6HA C 1 -2.30 2.43 -3.44
C4' 6HA C 1 -3.25 3.26 -4.27
O4' 6HA C 1 -2.92 3.13 -5.68
C3' 6HA C 1 -4.69 2.77 -4.02
O3' 6HA C 1 -5.07 3.01 -2.65
C2' 6HA C 1 -5.64 3.50 -4.93
C1' 6HA C 1 -5.33 3.65 -6.36
C6' 6HA C 1 -3.83 3.88 -6.61
N9 6HA C 1 -6.01 2.49 -7.11
C8 6HA C 1 -7.26 2.22 -7.43
N7 6HA C 1 -7.33 1.05 -8.08
C5 6HA C 1 -6.09 0.58 -8.16
C6 6HA C 1 -5.62 -0.57 -8.73
N6 6HA C 1 -6.35 -1.62 -9.41
N1 6HA C 1 -4.32 -0.87 -8.71
C2 6HA C 1 -3.46 -0.02 -8.11
N3 6HA C 1 -3.94 1.12 -7.56
C4 6HA C 1 -5.26 1.44 -7.57
P 6HA C 2 -5.39 1.90 -1.60
OP1 6HA C 2 -4.71 2.27 -0.29
OP2 6HA C 2 -5.01 0.49 -1.99
O5' 6HA C 2 -7.01 1.99 -1.42
C5' 6HA C 2 -7.74 0.80 -1.23
C4' 6HA C 2 -8.59 0.51 -2.45
O4' 6HA C 2 -8.07 1.27 -3.58
C3' 6HA C 2 -8.62 -1.01 -2.70
O3' 6HA C 2 -9.52 -1.61 -1.73
C2' 6HA C 2 -9.07 -1.42 -4.07
C1' 6HA C 2 -8.51 -0.65 -5.18
C6' 6HA C 2 -8.75 0.82 -4.85
N9 6HA C 2 -7.01 -0.92 -5.27
C8 6HA C 2 -5.87 -0.37 -4.90
N7 6HA C 2 -4.86 -1.16 -5.31
C5 6HA C 2 -5.39 -2.20 -5.94
C6 6HA C 2 -4.82 -3.29 -6.56
N6 6HA C 2 -3.42 -3.66 -6.71
N1 6HA C 2 -5.60 -4.22 -7.13
C2 6HA C 2 -6.94 -4.08 -7.10
N3 6HA C 2 -7.50 -3.01 -6.51
C4 6HA C 2 -6.72 -2.06 -5.92
P 6HC C 3 -8.90 -2.71 -0.83
OP1 6HC C 3 -7.83 -2.17 0.09
OP2 6HC C 3 -8.39 -3.96 -1.52
O5' 6HC C 3 -10.25 -3.11 0.05
C5' 6HC C 3 -10.67 -2.22 1.03
C4' 6HC C 3 -10.71 -2.95 2.32
O4' 6HC C 3 -9.45 -3.67 2.46
C3' 6HC C 3 -10.95 -1.92 3.46
O3' 6HC C 3 -12.30 -1.42 3.33
C2' 6HC C 3 -10.81 -2.52 4.76
C1' 6HC C 3 -9.57 -3.27 4.95
C6' 6HC C 3 -9.23 -4.24 3.79
N1 6HC C 3 -8.45 -2.30 5.13
C2 6HC C 3 -8.29 -1.59 6.42
O2 6HC C 3 -9.05 -1.79 7.31
N3 6HC C 3 -7.18 -0.63 6.60
C4 6HC C 3 -6.23 -0.36 5.55
N4 6HC C 3 -5.15 0.59 5.76
C5 6HC C 3 -6.38 -1.06 4.25
C6 6HC C 3 -7.50 -2.03 4.07
P 6HT C 4 -12.93 0.01 3.36
OP1 6HT C 4 -13.49 0.60 2.10
OP2 6HT C 4 -11.80 0.85 3.85
O5' 6HT C 4 -14.12 -0.09 4.51
C5' 6HT C 4 -13.83 -0.74 5.71
C4' 6HT C 4 -14.53 -0.04 6.83
O4' 6HT C 4 -13.79 -0.29 8.07
C3' 6HT C 4 -14.59 1.48 6.55
O3' 6HT C 4 -15.46 2.08 7.53
C2' 6HT C 4 -13.28 2.13 6.62
C1' 6HT C 4 -12.51 1.82 7.82
C6' 6HT C 4 -12.45 0.30 8.09
N1 6HT C 4 -11.11 2.33 7.65
C2 6HT C 4 -10.40 2.97 8.78
O2 6HT C 4 -10.93 3.09 9.82
N3 6HT C 4 -8.98 3.47 8.57
C4 6HT C 4 -8.31 3.33 7.28
O4 6HT C 4 -7.21 3.74 7.13
C5 6HT C 4 -9.04 2.68 6.14
C5M 6HT C 4 -8.34 2.53 4.75
C6 6HT C 4 -10.44 2.19 6.34
P 6HG C 5 -16.53 3.11 7.05
OP1 6HG C 5 -17.78 2.38 6.62
OP2 6HG C 5 -16.07 4.00 5.92
O5' 6HG C 5 -16.85 4.01 8.40
C5' 6HG C 5 -16.72 3.37 9.65
C4' 6HG C 5 -16.42 4.32 10.77
O4' 6HG C 5 -15.14 3.96 11.35
C3' 6HG C 5 -16.39 5.81 10.31
O3' 6HG C 5 -16.48 6.59 11.53
C2' 6HG C 5 -15.23 6.30 9.59
C1' 6HG C 5 -13.95 5.79 10.10
C6' 6HG C 5 -14.00 4.29 10.50
N9 6HG C 5 -12.93 5.93 9.02
C8 6HG C 5 -12.91 5.57 7.72
N7 6HG C 5 -11.73 5.94 7.20
C5 6HG C 5 -11.02 6.52 8.17
C6 6HG C 5 -9.63 7.13 8.19
O6 6HG C 5 -8.99 7.13 7.19
N1 6HG C 5 -9.09 7.70 9.39
C2 6HG C 5 -9.88 7.70 10.60
N2 6HG C 5 -9.35 8.27 11.83
N3 6HG C 5 -11.23 7.10 10.57
C4 6HG C 5 -11.77 6.51 9.30
P 6HT C 6 -17.31 7.88 11.79
OP1 6HT C 6 -18.38 7.67 12.83
OP2 6HT C 6 -17.94 8.29 10.50
O5' 6HT C 6 -16.27 9.06 12.32
C5' 6HT C 6 -15.12 8.65 13.01
C4' 6HT C 6 -14.48 9.82 13.68
O4' 6HT C 6 -13.04 9.63 13.71
C3' 6HT C 6 -14.83 11.13 12.94
O3' 6HT C 6 -14.40 12.25 13.77
C2' 6HT C 6 -14.20 11.28 11.61
C1' 6HT C 6 -12.78 10.90 11.51
C6' 6HT C 6 -12.43 9.66 12.36
N1 6HT C 6 -12.46 10.59 10.08
C2 6HT C 6 -11.15 10.99 9.52
O2 6HT C 6 -10.38 11.55 10.19
N3 6HT C 6 -10.84 10.66 8.07
C4 6HT C 6 -11.80 9.95 7.22
O4 6HT C 6 -11.54 9.70 6.09
C5 6HT C 6 -13.13 9.54 7.81
C5M 6HT C 6 -14.16 8.79 6.92
C6 6HT C 6 -13.43 9.87 9.24
C1 EDO D . 2.95 11.46 18.85
O1 EDO D . 3.96 10.50 18.62
C2 EDO D . 1.66 10.75 19.19
O2 EDO D . 1.30 9.87 18.17
MG MG E . 0.38 1.96 20.97
N1 XG4 F . -6.79 0.75 8.83
C2 XG4 F . -7.98 0.47 9.59
N2 XG4 F . -9.17 -0.15 9.01
N3 XG4 F . -8.01 0.83 10.99
C4 XG4 F . -6.83 1.46 11.62
C5 XG4 F . -5.69 1.74 10.92
C6 XG4 F . -5.65 1.37 9.43
O6 XG4 F . -4.68 1.58 8.79
N7 XG4 F . -4.81 2.30 11.75
C8 XG4 F . -5.39 2.39 12.97
N9 XG4 F . -6.63 1.87 12.85
PA XG4 F . -2.51 2.25 15.96
PB XG4 F . -1.01 0.27 17.52
PG XG4 F . 1.85 0.73 17.51
C1' XG4 F . -7.16 2.00 14.20
O1A XG4 F . -1.87 1.53 14.82
O1B XG4 F . -1.28 -0.97 16.70
O1G XG4 F . 2.10 1.54 18.76
C2' XG4 F . -7.24 0.51 14.84
O2A XG4 F . -1.92 3.64 16.12
O2B XG4 F . -0.81 -0.10 18.96
O2G XG4 F . 1.98 -0.74 17.84
C3' XG4 F . -6.31 0.45 15.71
O3' XG4 F . -6.66 -0.54 16.79
N3A XG4 F . -2.32 1.35 17.39
O3B XG4 F . 0.33 1.03 16.95
O3G XG4 F . 2.86 1.09 16.46
C4' XG4 F . -6.24 1.88 16.24
O4' XG4 F . -6.43 2.73 14.98
C5' XG4 F . -4.97 2.13 16.76
O5' XG4 F . -4.13 2.37 15.68
C1 EDO G . -17.11 17.45 2.32
O1 EDO G . -17.22 18.86 2.27
C2 EDO G . -16.49 17.04 3.63
O2 EDO G . -15.47 16.08 3.40
MG MG H . -1.37 5.30 17.42
C1 EDO I . -15.50 4.09 2.75
O1 EDO I . -14.25 3.77 3.32
C2 EDO I . -16.33 2.83 2.60
O2 EDO I . -17.61 3.16 2.10
#